data_1XAI
#
_entry.id   1XAI
#
_cell.length_a   54.898
_cell.length_b   54.898
_cell.length_c   229.111
_cell.angle_alpha   90.00
_cell.angle_beta   90.00
_cell.angle_gamma   90.00
#
_symmetry.space_group_name_H-M   'P 43'
#
loop_
_entity.id
_entity.type
_entity.pdbx_description
1 polymer '3-dehydroquinate synthase'
2 non-polymer 'ZINC ION'
3 non-polymer '[1R-(1ALPHA,3BETA,4ALPHA,5BETA)]-5-(PHOSPHONOMETHYL)-1,3,4-TRIHYDROXYCYCLOHEXANE-1-CARBOXYLIC ACID'
4 water water
#
_entity_poly.entity_id   1
_entity_poly.type   'polypeptide(L)'
_entity_poly.pdbx_seq_one_letter_code
;MKLQTTYPSNNYPIYVEHGAIKYIGTYLNQFDQSFLLIDEYVNQYFANKFDDILSYENVHKVIIPAGEKTKTFEQYQETL
EYILSHHVTRNTAIIAVGGGATGDFAGFVAATLLRGVHFIQVPTTILAHDSSVGGKVGINSKQGKNLIGAFYRPTAVIYD
LDFLKTLPFKQILSGYAEVYKHALLNGESATQDIEQHFKDREILQSLNGMDKYIAKGIETKLDIVVADEKEQGVRKFLNL
GHTFGHAVEYYHKIPHGHAVMVGIIYQFIVANALFDSKHDISHYIQYLIQLGYPLDMITDLDFETLYQYMLSDKKNDKQG
VQMVLMRQFGDIVVQHVDQLTLQHACEQLKTYFK
;
_entity_poly.pdbx_strand_id   A,B
#
loop_
_chem_comp.id
_chem_comp.type
_chem_comp.name
_chem_comp.formula
CRB non-polymer '[1R-(1ALPHA,3BETA,4ALPHA,5BETA)]-5-(PHOSPHONOMETHYL)-1,3,4-TRIHYDROXYCYCLOHEXANE-1-CARBOXYLIC ACID' 'C8 H15 O8 P'
ZN non-polymer 'ZINC ION' 'Zn 2'
#
# COMPACT_ATOMS: atom_id res chain seq x y z
N MET A 1 -19.78 -22.63 7.35
CA MET A 1 -20.19 -21.88 6.13
C MET A 1 -19.02 -21.21 5.41
N LYS A 2 -18.75 -21.63 4.19
CA LYS A 2 -17.67 -21.05 3.39
C LYS A 2 -18.23 -20.12 2.34
N LEU A 3 -17.50 -19.03 2.07
CA LEU A 3 -17.91 -18.06 1.08
C LEU A 3 -16.73 -17.70 0.19
N GLN A 4 -17.00 -16.99 -0.90
CA GLN A 4 -15.92 -16.59 -1.81
C GLN A 4 -16.23 -15.32 -2.59
N THR A 5 -15.25 -14.42 -2.64
CA THR A 5 -15.35 -13.16 -3.35
C THR A 5 -15.40 -13.44 -4.84
N THR A 6 -16.37 -12.86 -5.54
CA THR A 6 -16.54 -13.09 -6.97
C THR A 6 -15.89 -12.06 -7.87
N TYR A 7 -14.64 -11.75 -7.58
CA TYR A 7 -13.90 -10.80 -8.40
C TYR A 7 -13.34 -11.57 -9.59
N PRO A 8 -12.81 -10.85 -10.62
CA PRO A 8 -12.25 -11.54 -11.79
C PRO A 8 -11.10 -12.48 -11.45
N SER A 9 -10.03 -11.88 -10.94
CA SER A 9 -8.82 -12.57 -10.54
C SER A 9 -8.80 -12.75 -9.02
N ASN A 10 -7.64 -13.17 -8.54
CA ASN A 10 -7.38 -13.42 -7.14
C ASN A 10 -8.59 -13.22 -6.20
N ASN A 11 -9.31 -14.30 -5.88
CA ASN A 11 -10.46 -14.28 -4.97
C ASN A 11 -10.12 -15.04 -3.70
N TYR A 12 -10.73 -14.64 -2.59
CA TYR A 12 -10.45 -15.30 -1.31
C TYR A 12 -11.68 -15.88 -0.59
N PRO A 13 -11.48 -16.92 0.26
CA PRO A 13 -12.56 -17.56 1.01
C PRO A 13 -12.87 -16.84 2.28
N ILE A 14 -13.94 -17.26 2.91
CA ILE A 14 -14.30 -16.68 4.18
C ILE A 14 -14.96 -17.82 4.93
N TYR A 15 -14.27 -18.37 5.94
CA TYR A 15 -14.84 -19.47 6.71
C TYR A 15 -15.53 -18.95 7.96
N VAL A 16 -16.84 -19.14 8.02
CA VAL A 16 -17.65 -18.71 9.15
C VAL A 16 -18.30 -19.90 9.83
N GLU A 17 -17.53 -20.56 10.70
CA GLU A 17 -18.00 -21.74 11.42
C GLU A 17 -17.60 -21.64 12.88
N HIS A 18 -18.07 -22.59 13.69
CA HIS A 18 -17.76 -22.59 15.12
C HIS A 18 -16.47 -23.34 15.44
N GLY A 19 -15.73 -23.70 14.40
CA GLY A 19 -14.48 -24.40 14.58
C GLY A 19 -13.52 -23.96 13.49
N ALA A 20 -13.87 -22.86 12.83
CA ALA A 20 -13.06 -22.30 11.74
C ALA A 20 -11.57 -22.11 12.09
N ILE A 21 -11.26 -22.06 13.39
CA ILE A 21 -9.90 -21.87 13.89
C ILE A 21 -8.95 -23.00 13.40
N LYS A 22 -9.52 -24.07 12.87
CA LYS A 22 -8.75 -25.21 12.35
C LYS A 22 -8.22 -24.90 10.94
N TYR A 23 -9.03 -24.18 10.17
CA TYR A 23 -8.69 -23.82 8.80
C TYR A 23 -7.41 -22.99 8.62
N ILE A 24 -6.74 -22.71 9.73
CA ILE A 24 -5.50 -21.93 9.72
C ILE A 24 -4.35 -22.73 9.10
N GLY A 25 -4.08 -23.89 9.69
CA GLY A 25 -3.00 -24.75 9.23
C GLY A 25 -2.97 -25.27 7.79
N THR A 26 -4.09 -25.25 7.07
CA THR A 26 -4.08 -25.73 5.70
C THR A 26 -3.34 -24.75 4.82
N TYR A 27 -2.82 -23.70 5.45
CA TYR A 27 -2.08 -22.66 4.76
C TYR A 27 -0.65 -22.54 5.31
N LEU A 28 -0.52 -22.35 6.63
CA LEU A 28 0.77 -22.19 7.31
C LEU A 28 1.99 -22.86 6.67
N ASN A 29 1.82 -24.10 6.26
CA ASN A 29 2.92 -24.77 5.61
C ASN A 29 2.64 -24.84 4.11
N GLN A 30 2.92 -23.71 3.48
CA GLN A 30 2.79 -23.48 2.03
C GLN A 30 3.26 -22.06 1.87
N PHE A 31 3.79 -21.59 3.00
CA PHE A 31 4.32 -20.26 3.16
C PHE A 31 5.69 -20.43 3.78
N ASP A 32 6.71 -19.84 3.15
CA ASP A 32 8.06 -19.93 3.69
C ASP A 32 8.07 -19.58 5.16
N GLN A 33 7.19 -18.68 5.57
CA GLN A 33 7.10 -18.25 6.96
C GLN A 33 5.74 -17.61 7.26
N SER A 34 5.42 -17.51 8.55
CA SER A 34 4.18 -16.91 9.00
C SER A 34 4.43 -16.13 10.28
N PHE A 35 3.93 -14.90 10.30
CA PHE A 35 4.06 -14.01 11.44
C PHE A 35 2.68 -13.72 12.01
N LEU A 36 2.44 -14.16 13.25
CA LEU A 36 1.15 -13.99 13.89
C LEU A 36 1.07 -12.72 14.70
N LEU A 37 0.38 -11.73 14.15
CA LEU A 37 0.18 -10.46 14.82
C LEU A 37 -1.06 -10.66 15.66
N ILE A 38 -0.90 -10.51 16.97
CA ILE A 38 -2.00 -10.71 17.88
C ILE A 38 -2.09 -9.66 18.96
N ASP A 39 -3.28 -9.08 19.09
CA ASP A 39 -3.60 -8.07 20.09
C ASP A 39 -2.96 -8.49 21.44
N GLU A 40 -2.53 -7.52 22.26
CA GLU A 40 -1.91 -7.85 23.56
C GLU A 40 -2.87 -8.49 24.57
N TYR A 41 -4.17 -8.20 24.48
CA TYR A 41 -5.16 -8.78 25.38
C TYR A 41 -5.66 -10.08 24.82
N VAL A 42 -5.87 -10.14 23.51
CA VAL A 42 -6.37 -11.37 22.91
C VAL A 42 -5.35 -12.47 23.19
N ASN A 43 -4.08 -12.08 23.23
CA ASN A 43 -3.00 -13.01 23.51
C ASN A 43 -3.13 -13.64 24.90
N GLN A 44 -3.59 -12.87 25.87
CA GLN A 44 -3.77 -13.38 27.23
C GLN A 44 -4.91 -14.39 27.15
N TYR A 45 -6.08 -13.88 26.78
CA TYR A 45 -7.29 -14.68 26.65
C TYR A 45 -7.04 -16.07 26.07
N PHE A 46 -6.63 -16.13 24.80
CA PHE A 46 -6.39 -17.39 24.13
C PHE A 46 -4.92 -17.77 24.11
N ALA A 47 -4.40 -18.02 25.31
CA ALA A 47 -3.00 -18.39 25.52
C ALA A 47 -2.54 -19.60 24.69
N ASN A 48 -3.17 -20.75 24.93
CA ASN A 48 -2.80 -21.97 24.22
C ASN A 48 -3.63 -22.16 22.95
N LYS A 49 -4.75 -21.45 22.88
CA LYS A 49 -5.64 -21.53 21.72
C LYS A 49 -4.86 -21.71 20.42
N PHE A 50 -3.73 -21.01 20.31
CA PHE A 50 -2.91 -21.06 19.12
C PHE A 50 -1.54 -21.68 19.33
N ASP A 51 -1.50 -22.87 19.91
CA ASP A 51 -0.24 -23.58 20.12
C ASP A 51 -0.19 -24.70 19.10
N ASP A 52 -1.36 -25.24 18.81
CA ASP A 52 -1.54 -26.32 17.87
C ASP A 52 -0.91 -25.96 16.54
N ILE A 53 -0.78 -24.66 16.28
CA ILE A 53 -0.20 -24.15 15.04
C ILE A 53 0.98 -23.17 15.21
N LEU A 54 1.17 -22.66 16.42
CA LEU A 54 2.25 -21.71 16.66
C LEU A 54 3.58 -22.37 17.00
N SER A 55 3.55 -23.51 17.68
CA SER A 55 4.78 -24.20 18.04
C SER A 55 5.49 -24.79 16.82
N TYR A 56 5.36 -24.10 15.69
CA TYR A 56 6.01 -24.57 14.48
C TYR A 56 7.28 -23.82 14.24
N GLU A 57 8.02 -24.31 13.25
CA GLU A 57 9.31 -23.76 12.85
C GLU A 57 9.18 -22.52 12.00
N ASN A 58 7.98 -22.24 11.51
CA ASN A 58 7.80 -21.07 10.66
C ASN A 58 7.11 -19.94 11.39
N VAL A 59 6.05 -20.29 12.09
CA VAL A 59 5.25 -19.34 12.83
C VAL A 59 5.96 -18.63 13.99
N HIS A 60 5.82 -17.32 14.03
CA HIS A 60 6.41 -16.51 15.09
C HIS A 60 5.29 -15.64 15.63
N LYS A 61 5.17 -15.51 16.94
CA LYS A 61 4.10 -14.67 17.48
C LYS A 61 4.58 -13.24 17.67
N VAL A 62 3.81 -12.30 17.14
CA VAL A 62 4.14 -10.89 17.25
C VAL A 62 3.01 -10.25 18.04
N ILE A 63 3.35 -9.64 19.18
CA ILE A 63 2.34 -9.01 20.02
C ILE A 63 2.40 -7.50 19.88
N ILE A 64 1.34 -6.96 19.29
CA ILE A 64 1.21 -5.53 19.06
C ILE A 64 0.33 -4.93 20.15
N PRO A 65 0.16 -3.60 20.14
CA PRO A 65 -0.67 -2.96 21.15
C PRO A 65 -2.13 -3.36 21.05
N ALA A 66 -2.83 -3.31 22.17
CA ALA A 66 -4.25 -3.67 22.25
C ALA A 66 -5.15 -2.75 21.44
N GLY A 67 -5.85 -3.33 20.46
CA GLY A 67 -6.77 -2.56 19.64
C GLY A 67 -6.23 -1.30 18.98
N GLU A 68 -7.09 -0.30 18.90
CA GLU A 68 -6.83 0.99 18.28
C GLU A 68 -5.54 1.70 18.70
N LYS A 69 -4.84 1.14 19.67
CA LYS A 69 -3.60 1.74 20.17
C LYS A 69 -2.39 1.23 19.38
N THR A 70 -2.66 0.41 18.38
CA THR A 70 -1.62 -0.17 17.55
C THR A 70 -1.63 0.49 16.17
N LYS A 71 -2.76 1.07 15.80
CA LYS A 71 -2.92 1.73 14.52
C LYS A 71 -2.27 3.09 14.42
N THR A 72 -0.98 3.16 14.71
CA THR A 72 -0.23 4.41 14.63
C THR A 72 0.98 4.24 13.73
N PHE A 73 1.57 5.36 13.34
CA PHE A 73 2.77 5.35 12.49
C PHE A 73 3.91 4.67 13.22
N GLU A 74 4.11 5.07 14.47
CA GLU A 74 5.18 4.53 15.29
C GLU A 74 5.20 3.02 15.35
N GLN A 75 4.05 2.42 15.63
CA GLN A 75 3.96 0.97 15.72
C GLN A 75 4.18 0.31 14.36
N TYR A 76 3.75 1.02 13.32
CA TYR A 76 3.91 0.51 11.97
C TYR A 76 5.38 0.21 11.68
N GLN A 77 6.27 1.16 11.98
CA GLN A 77 7.69 0.98 11.74
C GLN A 77 8.27 -0.17 12.56
N GLU A 78 8.14 -0.05 13.87
CA GLU A 78 8.63 -1.06 14.80
C GLU A 78 8.31 -2.47 14.33
N THR A 79 7.02 -2.78 14.24
CA THR A 79 6.56 -4.11 13.82
C THR A 79 7.12 -4.58 12.49
N LEU A 80 7.19 -3.69 11.50
CA LEU A 80 7.73 -4.05 10.21
C LEU A 80 9.22 -4.36 10.34
N GLU A 81 9.96 -3.42 10.90
CA GLU A 81 11.40 -3.60 11.09
C GLU A 81 11.65 -4.87 11.87
N TYR A 82 10.89 -5.05 12.95
CA TYR A 82 11.03 -6.25 13.74
C TYR A 82 10.86 -7.47 12.83
N ILE A 83 9.76 -7.50 12.07
CA ILE A 83 9.46 -8.61 11.14
C ILE A 83 10.64 -8.86 10.18
N LEU A 84 10.95 -7.84 9.36
CA LEU A 84 12.02 -7.95 8.37
C LEU A 84 13.32 -8.55 8.91
N SER A 85 13.68 -8.22 10.15
CA SER A 85 14.90 -8.74 10.75
C SER A 85 14.97 -10.27 10.78
N HIS A 86 14.00 -10.91 10.12
CA HIS A 86 13.91 -12.37 10.05
C HIS A 86 14.12 -12.85 8.61
N HIS A 87 14.75 -12.02 7.79
CA HIS A 87 15.01 -12.33 6.38
C HIS A 87 13.81 -13.04 5.76
N VAL A 88 12.67 -12.38 5.77
CA VAL A 88 11.46 -12.96 5.22
C VAL A 88 11.55 -13.09 3.70
N THR A 89 10.43 -13.39 3.07
CA THR A 89 10.36 -13.55 1.62
C THR A 89 9.01 -13.01 1.16
N ARG A 90 8.80 -12.88 -0.15
CA ARG A 90 7.53 -12.36 -0.65
C ARG A 90 6.44 -13.38 -0.40
N ASN A 91 6.84 -14.59 -0.05
CA ASN A 91 5.88 -15.64 0.23
C ASN A 91 5.79 -15.99 1.70
N THR A 92 5.54 -14.95 2.50
CA THR A 92 5.37 -15.07 3.94
C THR A 92 3.90 -14.68 4.12
N ALA A 93 3.33 -14.99 5.28
CA ALA A 93 1.95 -14.65 5.54
C ALA A 93 1.82 -13.98 6.89
N ILE A 94 0.88 -13.03 6.98
CA ILE A 94 0.61 -12.32 8.21
C ILE A 94 -0.75 -12.83 8.67
N ILE A 95 -0.80 -13.34 9.89
CA ILE A 95 -2.04 -13.87 10.46
C ILE A 95 -2.57 -12.88 11.48
N ALA A 96 -3.67 -12.23 11.17
CA ALA A 96 -4.28 -11.29 12.10
C ALA A 96 -5.25 -12.07 13.01
N VAL A 97 -5.05 -11.94 14.31
CA VAL A 97 -5.91 -12.63 15.29
C VAL A 97 -6.35 -11.63 16.36
N GLY A 98 -7.51 -11.01 16.14
CA GLY A 98 -8.02 -10.03 17.09
C GLY A 98 -9.14 -9.18 16.52
N GLY A 99 -9.38 -8.02 17.13
CA GLY A 99 -10.44 -7.15 16.66
C GLY A 99 -10.27 -6.54 15.28
N GLY A 100 -11.00 -5.46 15.02
CA GLY A 100 -10.90 -4.78 13.74
C GLY A 100 -9.62 -3.97 13.69
N ALA A 101 -9.22 -3.46 14.84
CA ALA A 101 -8.01 -2.68 14.92
C ALA A 101 -6.78 -3.51 14.62
N THR A 102 -6.60 -4.64 15.30
CA THR A 102 -5.42 -5.46 15.02
C THR A 102 -5.48 -5.92 13.57
N GLY A 103 -6.70 -5.98 13.02
CA GLY A 103 -6.89 -6.41 11.65
C GLY A 103 -6.44 -5.37 10.63
N ASP A 104 -6.86 -4.12 10.81
CA ASP A 104 -6.49 -3.03 9.92
C ASP A 104 -4.97 -2.88 9.91
N PHE A 105 -4.37 -2.89 11.09
CA PHE A 105 -2.92 -2.77 11.24
C PHE A 105 -2.15 -3.92 10.55
N ALA A 106 -2.35 -5.14 11.02
CA ALA A 106 -1.69 -6.31 10.44
C ALA A 106 -1.87 -6.31 8.92
N GLY A 107 -3.02 -5.82 8.47
CA GLY A 107 -3.30 -5.75 7.06
C GLY A 107 -2.47 -4.74 6.31
N PHE A 108 -2.23 -3.59 6.93
CA PHE A 108 -1.43 -2.52 6.33
C PHE A 108 0.03 -2.94 6.37
N VAL A 109 0.37 -3.78 7.34
CA VAL A 109 1.73 -4.27 7.46
C VAL A 109 1.94 -5.26 6.31
N ALA A 110 1.07 -6.25 6.25
CA ALA A 110 1.11 -7.27 5.21
C ALA A 110 1.03 -6.68 3.82
N ALA A 111 0.20 -5.66 3.66
CA ALA A 111 0.01 -5.02 2.35
C ALA A 111 1.24 -4.26 1.84
N THR A 112 2.16 -3.92 2.74
CA THR A 112 3.33 -3.16 2.36
C THR A 112 4.66 -3.88 2.55
N LEU A 113 4.63 -5.03 3.21
CA LEU A 113 5.84 -5.83 3.42
C LEU A 113 6.35 -6.32 2.08
N LEU A 114 7.58 -5.95 1.72
CA LEU A 114 8.18 -6.34 0.44
C LEU A 114 7.21 -6.05 -0.71
N ARG A 115 6.45 -4.96 -0.57
CA ARG A 115 5.46 -4.50 -1.54
C ARG A 115 4.20 -5.37 -1.59
N GLY A 116 4.01 -6.19 -0.57
CA GLY A 116 2.85 -7.05 -0.51
C GLY A 116 3.15 -8.52 -0.26
N VAL A 117 2.67 -9.05 0.86
CA VAL A 117 2.86 -10.46 1.16
C VAL A 117 1.48 -11.07 1.37
N HIS A 118 1.41 -12.25 1.97
CA HIS A 118 0.14 -12.93 2.19
C HIS A 118 -0.59 -12.53 3.49
N PHE A 119 -1.91 -12.36 3.38
CA PHE A 119 -2.73 -11.92 4.49
C PHE A 119 -3.91 -12.85 4.88
N ILE A 120 -3.88 -13.34 6.13
CA ILE A 120 -4.92 -14.24 6.69
C ILE A 120 -5.67 -13.58 7.85
N GLN A 121 -6.93 -13.19 7.59
CA GLN A 121 -7.79 -12.57 8.60
C GLN A 121 -8.42 -13.62 9.52
N VAL A 122 -8.20 -13.47 10.82
CA VAL A 122 -8.74 -14.36 11.82
C VAL A 122 -9.45 -13.53 12.90
N PRO A 123 -10.58 -12.90 12.54
CA PRO A 123 -11.36 -12.07 13.48
C PRO A 123 -11.82 -12.80 14.75
N THR A 124 -11.95 -12.07 15.86
CA THR A 124 -12.37 -12.63 17.14
C THR A 124 -13.46 -11.78 17.81
N THR A 125 -14.04 -10.86 17.06
CA THR A 125 -15.06 -9.99 17.61
C THR A 125 -16.27 -9.97 16.66
N ILE A 126 -17.34 -9.31 17.08
CA ILE A 126 -18.56 -9.22 16.27
C ILE A 126 -18.39 -8.15 15.19
N LEU A 127 -17.75 -7.06 15.57
CA LEU A 127 -17.48 -5.95 14.67
C LEU A 127 -16.57 -6.35 13.51
N ALA A 128 -15.71 -7.33 13.76
CA ALA A 128 -14.77 -7.82 12.76
C ALA A 128 -15.44 -8.70 11.72
N HIS A 129 -16.76 -8.86 11.81
CA HIS A 129 -17.48 -9.63 10.79
C HIS A 129 -17.52 -8.64 9.63
N ASP A 130 -17.38 -7.38 10.00
CA ASP A 130 -17.37 -6.26 9.08
C ASP A 130 -15.94 -5.94 8.63
N SER A 131 -15.11 -5.47 9.55
CA SER A 131 -13.73 -5.12 9.23
C SER A 131 -12.85 -6.18 8.54
N SER A 132 -13.16 -7.47 8.69
CA SER A 132 -12.32 -8.48 8.06
C SER A 132 -12.65 -8.77 6.59
N VAL A 133 -13.71 -8.17 6.08
CA VAL A 133 -14.07 -8.40 4.70
C VAL A 133 -14.01 -7.08 3.91
N GLY A 134 -13.51 -7.16 2.68
CA GLY A 134 -13.44 -5.97 1.85
C GLY A 134 -12.03 -5.52 1.51
N GLY A 135 -11.07 -5.93 2.33
CA GLY A 135 -9.70 -5.54 2.07
C GLY A 135 -9.24 -4.18 2.58
N LYS A 136 -10.08 -3.41 3.25
CA LYS A 136 -9.64 -2.10 3.76
C LYS A 136 -8.78 -2.23 5.03
N VAL A 137 -7.52 -1.82 4.93
CA VAL A 137 -6.61 -1.86 6.07
C VAL A 137 -5.99 -0.48 6.29
N GLY A 138 -5.24 -0.33 7.37
CA GLY A 138 -4.63 0.96 7.62
C GLY A 138 -4.43 1.31 9.07
N ILE A 139 -3.88 2.51 9.27
CA ILE A 139 -3.60 3.05 10.58
C ILE A 139 -4.31 4.40 10.66
N ASN A 140 -4.14 5.10 11.78
CA ASN A 140 -4.78 6.40 12.00
C ASN A 140 -3.80 7.56 11.89
N SER A 141 -4.34 8.77 11.73
CA SER A 141 -3.53 9.99 11.64
C SER A 141 -3.86 10.89 12.83
N LYS A 142 -3.18 12.03 12.94
CA LYS A 142 -3.48 12.95 14.03
C LYS A 142 -4.77 13.65 13.62
N GLN A 143 -5.10 13.53 12.33
CA GLN A 143 -6.29 14.13 11.76
C GLN A 143 -7.55 13.27 11.87
N GLY A 144 -7.38 11.95 11.97
CA GLY A 144 -8.52 11.06 12.06
C GLY A 144 -8.26 9.58 11.88
N LYS A 145 -9.34 8.81 11.92
CA LYS A 145 -9.29 7.36 11.79
C LYS A 145 -9.10 6.93 10.34
N ASN A 146 -8.30 5.89 10.15
CA ASN A 146 -8.03 5.31 8.81
C ASN A 146 -7.65 6.27 7.70
N LEU A 147 -6.67 7.15 7.96
CA LEU A 147 -6.27 8.10 6.95
C LEU A 147 -5.05 7.70 6.13
N ILE A 148 -4.45 6.57 6.50
CA ILE A 148 -3.31 6.03 5.77
C ILE A 148 -3.57 4.54 5.79
N GLY A 149 -3.51 3.90 4.64
CA GLY A 149 -3.77 2.48 4.59
C GLY A 149 -3.81 2.05 3.15
N ALA A 150 -4.58 1.02 2.82
CA ALA A 150 -4.64 0.57 1.43
C ALA A 150 -5.69 -0.47 1.23
N PHE A 151 -5.99 -0.74 -0.03
CA PHE A 151 -6.92 -1.79 -0.39
C PHE A 151 -6.08 -3.04 -0.71
N TYR A 152 -6.14 -4.05 0.17
CA TYR A 152 -5.38 -5.28 0.01
C TYR A 152 -6.23 -6.53 0.30
N ARG A 153 -6.47 -7.33 -0.73
CA ARG A 153 -7.27 -8.54 -0.58
C ARG A 153 -6.57 -9.61 0.23
N PRO A 154 -7.19 -10.05 1.35
CA PRO A 154 -6.59 -11.09 2.20
C PRO A 154 -6.63 -12.42 1.44
N THR A 155 -5.68 -13.29 1.73
CA THR A 155 -5.61 -14.58 1.06
C THR A 155 -6.86 -15.39 1.41
N ALA A 156 -7.31 -15.23 2.64
CA ALA A 156 -8.48 -15.92 3.16
C ALA A 156 -8.91 -15.34 4.51
N VAL A 157 -10.19 -15.46 4.82
CA VAL A 157 -10.71 -14.97 6.09
C VAL A 157 -11.23 -16.15 6.88
N ILE A 158 -10.86 -16.24 8.15
CA ILE A 158 -11.29 -17.34 9.01
C ILE A 158 -11.96 -16.81 10.28
N TYR A 159 -13.29 -16.74 10.23
CA TYR A 159 -14.12 -16.25 11.32
C TYR A 159 -14.70 -17.38 12.17
N ASP A 160 -13.95 -17.83 13.17
CA ASP A 160 -14.42 -18.89 14.06
C ASP A 160 -15.46 -18.28 14.98
N LEU A 161 -16.72 -18.66 14.83
CA LEU A 161 -17.82 -18.12 15.63
C LEU A 161 -17.82 -18.48 17.12
N ASP A 162 -16.79 -19.20 17.55
CA ASP A 162 -16.66 -19.60 18.95
C ASP A 162 -16.03 -18.53 19.80
N PHE A 163 -15.43 -17.52 19.17
CA PHE A 163 -14.75 -16.41 19.87
C PHE A 163 -15.76 -15.42 20.47
N LEU A 164 -17.02 -15.56 20.08
CA LEU A 164 -18.08 -14.66 20.58
C LEU A 164 -18.51 -14.98 22.00
N LYS A 165 -18.19 -16.19 22.46
CA LYS A 165 -18.55 -16.65 23.79
C LYS A 165 -17.74 -15.97 24.88
N THR A 166 -16.74 -15.19 24.48
CA THR A 166 -15.89 -14.50 25.46
C THR A 166 -15.95 -12.99 25.31
N LEU A 167 -16.90 -12.52 24.52
CA LEU A 167 -17.07 -11.11 24.30
C LEU A 167 -17.91 -10.46 25.40
N PRO A 168 -17.44 -9.33 25.95
CA PRO A 168 -18.16 -8.60 27.00
C PRO A 168 -19.34 -7.88 26.34
N PHE A 169 -20.34 -7.43 27.10
CA PHE A 169 -21.48 -6.78 26.48
C PHE A 169 -21.08 -5.51 25.72
N LYS A 170 -20.16 -4.73 26.29
CA LYS A 170 -19.69 -3.49 25.68
C LYS A 170 -19.24 -3.69 24.22
N GLN A 171 -18.80 -4.91 23.90
CA GLN A 171 -18.35 -5.24 22.54
C GLN A 171 -19.47 -5.85 21.69
N ILE A 172 -20.46 -6.44 22.36
CA ILE A 172 -21.63 -7.01 21.69
C ILE A 172 -22.36 -5.79 21.07
N LEU A 173 -22.62 -4.80 21.91
CA LEU A 173 -23.27 -3.57 21.49
C LEU A 173 -22.43 -2.97 20.38
N SER A 174 -21.14 -2.86 20.63
CA SER A 174 -20.22 -2.30 19.65
C SER A 174 -20.31 -3.03 18.32
N GLY A 175 -20.13 -4.35 18.36
CA GLY A 175 -20.20 -5.12 17.12
C GLY A 175 -21.58 -5.14 16.50
N TYR A 176 -22.61 -5.12 17.33
CA TYR A 176 -23.98 -5.13 16.88
C TYR A 176 -24.34 -3.94 16.00
N ALA A 177 -23.66 -2.82 16.20
CA ALA A 177 -23.91 -1.62 15.41
C ALA A 177 -23.65 -1.84 13.93
N GLU A 178 -22.75 -2.78 13.60
CA GLU A 178 -22.44 -3.08 12.19
C GLU A 178 -23.44 -4.11 11.69
N VAL A 179 -23.82 -5.05 12.55
CA VAL A 179 -24.80 -6.09 12.21
C VAL A 179 -26.11 -5.39 11.91
N TYR A 180 -26.40 -4.37 12.70
CA TYR A 180 -27.61 -3.57 12.53
C TYR A 180 -27.57 -2.67 11.28
N LYS A 181 -26.40 -2.11 11.00
CA LYS A 181 -26.20 -1.23 9.84
C LYS A 181 -26.46 -1.95 8.53
N HIS A 182 -25.94 -3.17 8.40
CA HIS A 182 -26.13 -3.95 7.18
C HIS A 182 -27.61 -4.23 7.01
N ALA A 183 -28.30 -4.32 8.14
CA ALA A 183 -29.75 -4.58 8.20
C ALA A 183 -30.51 -3.39 7.63
N LEU A 184 -30.20 -2.20 8.14
CA LEU A 184 -30.82 -0.97 7.67
C LEU A 184 -30.64 -0.91 6.15
N LEU A 185 -29.52 -1.44 5.68
CA LEU A 185 -29.20 -1.46 4.26
C LEU A 185 -29.93 -2.58 3.53
N ASN A 186 -30.29 -3.63 4.25
CA ASN A 186 -30.97 -4.77 3.67
C ASN A 186 -32.49 -4.54 3.46
N GLY A 187 -33.01 -3.41 3.93
CA GLY A 187 -34.42 -3.12 3.75
C GLY A 187 -35.22 -2.94 5.02
N GLU A 188 -36.44 -2.43 4.88
CA GLU A 188 -37.32 -2.21 6.03
C GLU A 188 -37.69 -3.51 6.70
N SER A 189 -37.66 -4.60 5.93
CA SER A 189 -37.97 -5.92 6.43
C SER A 189 -36.88 -6.47 7.38
N ALA A 190 -35.65 -6.55 6.90
CA ALA A 190 -34.51 -7.05 7.69
C ALA A 190 -34.27 -6.22 8.96
N THR A 191 -34.58 -4.92 8.91
CA THR A 191 -34.39 -4.06 10.07
C THR A 191 -35.43 -4.41 11.13
N GLN A 192 -36.70 -4.27 10.78
CA GLN A 192 -37.78 -4.59 11.72
C GLN A 192 -37.71 -6.06 12.13
N ASP A 193 -37.07 -6.88 11.30
CA ASP A 193 -36.92 -8.29 11.59
C ASP A 193 -35.82 -8.55 12.61
N ILE A 194 -34.71 -7.81 12.50
CA ILE A 194 -33.62 -7.97 13.44
C ILE A 194 -34.03 -7.21 14.71
N GLU A 195 -34.73 -6.10 14.54
CA GLU A 195 -35.25 -5.31 15.66
C GLU A 195 -36.28 -6.15 16.44
N GLN A 196 -36.96 -7.03 15.70
CA GLN A 196 -37.97 -7.92 16.27
C GLN A 196 -37.32 -9.04 17.05
N HIS A 197 -36.21 -9.57 16.54
CA HIS A 197 -35.50 -10.65 17.22
C HIS A 197 -34.75 -10.09 18.42
N PHE A 198 -33.83 -9.14 18.15
CA PHE A 198 -33.05 -8.52 19.22
C PHE A 198 -33.83 -7.35 19.76
N LYS A 199 -34.82 -7.67 20.59
CA LYS A 199 -35.73 -6.68 21.18
C LYS A 199 -35.16 -5.82 22.31
N ASP A 200 -34.32 -6.42 23.15
CA ASP A 200 -33.73 -5.69 24.27
C ASP A 200 -32.42 -6.30 24.73
N ARG A 201 -31.77 -5.60 25.65
CA ARG A 201 -30.48 -6.00 26.20
C ARG A 201 -30.26 -7.50 26.42
N GLU A 202 -31.14 -8.10 27.21
CA GLU A 202 -31.02 -9.51 27.53
C GLU A 202 -30.93 -10.44 26.33
N ILE A 203 -31.63 -10.09 25.25
CA ILE A 203 -31.60 -10.92 24.05
C ILE A 203 -30.23 -10.81 23.40
N LEU A 204 -29.79 -9.58 23.19
CA LEU A 204 -28.51 -9.29 22.58
C LEU A 204 -27.43 -9.96 23.42
N GLN A 205 -27.37 -9.50 24.66
CA GLN A 205 -26.42 -9.99 25.64
C GLN A 205 -26.33 -11.51 25.62
N SER A 206 -27.46 -12.18 25.40
CA SER A 206 -27.43 -13.64 25.37
C SER A 206 -26.81 -14.14 24.07
N LEU A 207 -27.02 -13.39 22.99
CA LEU A 207 -26.51 -13.73 21.65
C LEU A 207 -27.23 -14.87 20.90
N ASN A 208 -28.47 -15.16 21.28
CA ASN A 208 -29.20 -16.20 20.59
C ASN A 208 -29.65 -15.66 19.23
N GLY A 209 -29.44 -16.45 18.18
CA GLY A 209 -29.83 -16.02 16.84
C GLY A 209 -28.84 -15.03 16.25
N MET A 210 -27.68 -14.90 16.88
CA MET A 210 -26.65 -13.98 16.40
C MET A 210 -25.88 -14.63 15.25
N ASP A 211 -25.43 -15.88 15.47
CA ASP A 211 -24.67 -16.60 14.44
C ASP A 211 -25.29 -16.37 13.07
N LYS A 212 -26.61 -16.21 13.03
CA LYS A 212 -27.36 -16.01 11.80
C LYS A 212 -27.31 -14.58 11.28
N TYR A 213 -27.44 -13.59 12.17
CA TYR A 213 -27.41 -12.21 11.72
C TYR A 213 -26.02 -11.72 11.37
N ILE A 214 -25.03 -12.55 11.61
CA ILE A 214 -23.66 -12.21 11.29
C ILE A 214 -23.36 -12.70 9.88
N ALA A 215 -23.70 -13.96 9.61
CA ALA A 215 -23.49 -14.55 8.29
C ALA A 215 -24.23 -13.70 7.27
N LYS A 216 -25.41 -13.20 7.67
CA LYS A 216 -26.22 -12.35 6.82
C LYS A 216 -25.54 -10.98 6.62
N GLY A 217 -24.73 -10.58 7.60
CA GLY A 217 -24.01 -9.33 7.52
C GLY A 217 -22.81 -9.45 6.61
N ILE A 218 -22.05 -10.52 6.79
CA ILE A 218 -20.87 -10.78 5.98
C ILE A 218 -21.29 -10.83 4.51
N GLU A 219 -22.32 -11.61 4.20
CA GLU A 219 -22.81 -11.76 2.83
C GLU A 219 -23.12 -10.38 2.26
N THR A 220 -23.99 -9.66 2.95
CA THR A 220 -24.40 -8.33 2.54
C THR A 220 -23.22 -7.45 2.12
N LYS A 221 -22.09 -7.57 2.82
CA LYS A 221 -20.93 -6.77 2.49
C LYS A 221 -20.20 -7.35 1.30
N LEU A 222 -19.99 -8.65 1.33
CA LEU A 222 -19.30 -9.34 0.26
C LEU A 222 -19.83 -8.91 -1.08
N ASP A 223 -21.10 -8.48 -1.09
CA ASP A 223 -21.74 -8.02 -2.31
C ASP A 223 -21.32 -6.60 -2.68
N ILE A 224 -21.35 -5.70 -1.70
CA ILE A 224 -20.97 -4.32 -1.93
C ILE A 224 -19.48 -4.15 -2.23
N VAL A 225 -18.65 -5.03 -1.67
CA VAL A 225 -17.21 -4.95 -1.88
C VAL A 225 -16.78 -5.60 -3.19
N VAL A 226 -17.44 -6.68 -3.58
CA VAL A 226 -17.07 -7.31 -4.85
C VAL A 226 -17.56 -6.42 -5.98
N ALA A 227 -18.74 -5.84 -5.79
CA ALA A 227 -19.34 -4.99 -6.78
C ALA A 227 -18.68 -3.61 -6.92
N ASP A 228 -17.97 -3.17 -5.89
CA ASP A 228 -17.33 -1.85 -5.92
C ASP A 228 -16.15 -1.83 -4.95
N GLU A 229 -15.17 -2.68 -5.23
CA GLU A 229 -13.99 -2.81 -4.39
C GLU A 229 -13.30 -1.52 -4.00
N LYS A 230 -13.08 -0.62 -4.95
CA LYS A 230 -12.39 0.61 -4.62
C LYS A 230 -13.27 1.74 -4.12
N GLU A 231 -14.47 1.39 -3.66
CA GLU A 231 -15.44 2.37 -3.17
C GLU A 231 -15.62 3.44 -4.23
N GLN A 232 -15.96 2.99 -5.43
CA GLN A 232 -16.19 3.91 -6.55
C GLN A 232 -17.69 4.08 -6.70
N GLY A 233 -18.32 4.60 -5.64
CA GLY A 233 -19.75 4.80 -5.67
C GLY A 233 -20.55 4.06 -4.61
N VAL A 234 -21.05 2.88 -4.95
CA VAL A 234 -21.89 2.12 -4.03
C VAL A 234 -21.31 1.71 -2.68
N ARG A 235 -20.06 1.24 -2.64
CA ARG A 235 -19.45 0.82 -1.37
C ARG A 235 -19.46 1.96 -0.37
N LYS A 236 -19.82 3.15 -0.85
CA LYS A 236 -19.90 4.32 0.01
C LYS A 236 -21.07 4.07 0.95
N PHE A 237 -21.85 3.03 0.66
CA PHE A 237 -23.02 2.69 1.47
C PHE A 237 -22.73 1.96 2.76
N LEU A 238 -21.53 1.44 2.91
CA LEU A 238 -21.13 0.74 4.13
C LEU A 238 -20.72 1.81 5.15
N ASN A 239 -20.60 3.05 4.66
CA ASN A 239 -20.24 4.21 5.45
C ASN A 239 -21.46 4.85 6.10
N LEU A 240 -22.57 4.13 6.11
CA LEU A 240 -23.80 4.64 6.71
C LEU A 240 -23.58 5.03 8.18
N GLY A 241 -23.78 6.30 8.49
CA GLY A 241 -23.59 6.75 9.86
C GLY A 241 -22.15 6.82 10.36
N HIS A 242 -21.17 6.79 9.46
CA HIS A 242 -19.77 6.86 9.87
C HIS A 242 -19.20 8.27 9.76
N THR A 243 -19.87 9.13 9.00
CA THR A 243 -19.40 10.49 8.82
C THR A 243 -19.37 11.21 10.15
N PHE A 244 -20.47 11.11 10.89
CA PHE A 244 -20.58 11.74 12.20
C PHE A 244 -19.95 10.75 13.19
N GLY A 245 -20.18 9.47 12.93
CA GLY A 245 -19.65 8.43 13.77
C GLY A 245 -18.14 8.44 13.98
N HIS A 246 -17.39 8.54 12.89
CA HIS A 246 -15.93 8.56 12.96
C HIS A 246 -15.42 9.76 13.73
N ALA A 247 -16.20 10.85 13.67
CA ALA A 247 -15.85 12.09 14.36
C ALA A 247 -16.05 11.95 15.88
N VAL A 248 -17.08 11.20 16.27
CA VAL A 248 -17.39 10.97 17.69
C VAL A 248 -16.48 9.92 18.30
N GLU A 249 -16.11 8.94 17.48
CA GLU A 249 -15.24 7.88 17.92
C GLU A 249 -13.85 8.47 18.14
N TYR A 250 -13.32 9.18 17.15
CA TYR A 250 -11.98 9.75 17.32
C TYR A 250 -11.92 10.80 18.45
N TYR A 251 -12.80 11.79 18.43
CA TYR A 251 -12.81 12.86 19.42
C TYR A 251 -13.34 12.48 20.79
N HIS A 252 -14.31 11.57 20.85
CA HIS A 252 -14.88 11.18 22.14
C HIS A 252 -14.33 9.89 22.64
N LYS A 253 -13.52 9.27 21.81
CA LYS A 253 -12.89 8.01 22.16
C LYS A 253 -13.88 7.03 22.75
N ILE A 254 -14.92 6.68 21.98
CA ILE A 254 -15.91 5.72 22.44
C ILE A 254 -15.85 4.58 21.43
N PRO A 255 -16.30 3.36 21.79
CA PRO A 255 -16.25 2.22 20.86
C PRO A 255 -16.79 2.53 19.46
N HIS A 256 -16.28 1.82 18.47
CA HIS A 256 -16.71 2.04 17.10
C HIS A 256 -18.21 1.91 16.88
N GLY A 257 -18.79 0.78 17.31
CA GLY A 257 -20.22 0.55 17.16
C GLY A 257 -21.07 1.61 17.84
N HIS A 258 -20.74 1.89 19.10
CA HIS A 258 -21.45 2.89 19.88
C HIS A 258 -21.52 4.22 19.10
N ALA A 259 -20.39 4.63 18.53
CA ALA A 259 -20.31 5.85 17.76
C ALA A 259 -21.16 5.73 16.51
N VAL A 260 -21.06 4.59 15.83
CA VAL A 260 -21.84 4.33 14.62
C VAL A 260 -23.35 4.45 14.89
N MET A 261 -23.84 3.84 15.97
CA MET A 261 -25.25 3.91 16.33
C MET A 261 -25.63 5.39 16.40
N VAL A 262 -24.88 6.14 17.18
CA VAL A 262 -25.09 7.57 17.33
C VAL A 262 -24.93 8.22 15.95
N GLY A 263 -24.08 7.64 15.12
CA GLY A 263 -23.88 8.19 13.79
C GLY A 263 -25.10 7.89 12.96
N ILE A 264 -25.75 6.75 13.21
CA ILE A 264 -26.96 6.34 12.48
C ILE A 264 -28.15 7.27 12.75
N ILE A 265 -28.54 7.41 14.02
CA ILE A 265 -29.66 8.29 14.37
C ILE A 265 -29.45 9.71 13.86
N TYR A 266 -28.20 10.15 13.87
CA TYR A 266 -27.87 11.48 13.40
C TYR A 266 -28.07 11.56 11.90
N GLN A 267 -27.81 10.45 11.22
CA GLN A 267 -27.96 10.40 9.78
C GLN A 267 -29.44 10.53 9.42
N PHE A 268 -30.31 9.89 10.19
CA PHE A 268 -31.76 9.97 9.96
C PHE A 268 -32.16 11.41 10.20
N ILE A 269 -31.66 12.00 11.29
CA ILE A 269 -31.96 13.39 11.62
C ILE A 269 -31.77 14.31 10.40
N VAL A 270 -30.73 14.03 9.63
CA VAL A 270 -30.40 14.78 8.43
C VAL A 270 -31.32 14.42 7.27
N ALA A 271 -31.58 13.12 7.10
CA ALA A 271 -32.47 12.63 6.05
C ALA A 271 -33.84 13.27 6.18
N ASN A 272 -34.11 13.81 7.37
CA ASN A 272 -35.37 14.52 7.62
C ASN A 272 -35.05 15.93 7.21
N ALA A 273 -34.04 16.49 7.87
CA ALA A 273 -33.58 17.86 7.60
C ALA A 273 -33.57 18.20 6.10
N LEU A 274 -33.14 17.25 5.27
CA LEU A 274 -33.10 17.52 3.84
C LEU A 274 -34.31 16.96 3.11
N PHE A 275 -34.31 15.66 2.79
CA PHE A 275 -35.43 15.06 2.06
C PHE A 275 -36.75 14.95 2.83
N ASP A 276 -36.69 15.00 4.16
CA ASP A 276 -37.88 14.88 4.99
C ASP A 276 -38.53 13.50 4.77
N SER A 277 -37.73 12.46 4.95
CA SER A 277 -38.21 11.09 4.81
C SER A 277 -39.07 10.81 6.01
N LYS A 278 -39.16 11.80 6.90
CA LYS A 278 -39.93 11.70 8.14
C LYS A 278 -39.56 10.42 8.87
N HIS A 279 -38.40 10.45 9.54
CA HIS A 279 -37.91 9.30 10.28
C HIS A 279 -38.43 9.31 11.72
N ASP A 280 -38.73 8.12 12.21
CA ASP A 280 -39.20 7.95 13.58
C ASP A 280 -37.93 8.01 14.42
N ILE A 281 -37.50 9.22 14.78
CA ILE A 281 -36.30 9.36 15.59
C ILE A 281 -36.57 8.76 16.96
N SER A 282 -37.75 9.05 17.51
CA SER A 282 -38.10 8.51 18.82
C SER A 282 -38.06 6.99 18.85
N HIS A 283 -38.27 6.34 17.71
CA HIS A 283 -38.23 4.88 17.59
C HIS A 283 -36.81 4.34 17.76
N TYR A 284 -35.89 4.85 16.94
CA TYR A 284 -34.49 4.45 16.95
C TYR A 284 -33.85 4.80 18.28
N ILE A 285 -34.10 6.01 18.77
CA ILE A 285 -33.56 6.43 20.05
C ILE A 285 -33.89 5.37 21.11
N GLN A 286 -35.17 5.02 21.24
CA GLN A 286 -35.57 4.03 22.21
C GLN A 286 -34.94 2.67 21.97
N TYR A 287 -35.06 2.14 20.75
CA TYR A 287 -34.50 0.83 20.46
C TYR A 287 -33.05 0.71 20.94
N LEU A 288 -32.31 1.82 20.94
CA LEU A 288 -30.92 1.79 21.40
C LEU A 288 -30.86 1.68 22.91
N ILE A 289 -31.73 2.41 23.58
CA ILE A 289 -31.81 2.38 25.04
C ILE A 289 -32.03 0.95 25.52
N GLN A 290 -33.06 0.31 24.95
CA GLN A 290 -33.39 -1.06 25.31
C GLN A 290 -32.18 -1.97 25.14
N LEU A 291 -31.56 -1.93 23.96
CA LEU A 291 -30.40 -2.76 23.66
C LEU A 291 -29.34 -2.54 24.72
N GLY A 292 -29.38 -1.37 25.35
CA GLY A 292 -28.41 -1.09 26.39
C GLY A 292 -27.33 -0.10 26.02
N TYR A 293 -27.49 0.58 24.90
CA TYR A 293 -26.47 1.55 24.51
C TYR A 293 -26.46 2.68 25.54
N PRO A 294 -25.27 3.12 25.95
CA PRO A 294 -25.09 4.19 26.93
C PRO A 294 -25.84 5.49 26.61
N LEU A 295 -25.29 6.30 25.70
CA LEU A 295 -25.88 7.58 25.31
C LEU A 295 -25.58 8.70 26.32
N ASP A 296 -24.49 8.53 27.06
CA ASP A 296 -24.11 9.53 28.06
C ASP A 296 -23.33 10.68 27.41
N MET A 297 -22.59 10.38 26.34
CA MET A 297 -21.79 11.40 25.66
C MET A 297 -22.63 12.26 24.73
N ILE A 298 -23.85 11.83 24.47
CA ILE A 298 -24.74 12.59 23.60
C ILE A 298 -24.79 14.07 23.98
N THR A 299 -24.77 14.35 25.28
CA THR A 299 -24.83 15.72 25.78
C THR A 299 -23.48 16.44 25.71
N ASP A 300 -22.39 15.68 25.75
CA ASP A 300 -21.07 16.27 25.68
C ASP A 300 -20.53 16.42 24.25
N LEU A 301 -21.39 16.16 23.26
CA LEU A 301 -20.96 16.30 21.87
C LEU A 301 -20.51 17.75 21.68
N ASP A 302 -20.05 18.06 20.47
CA ASP A 302 -19.59 19.40 20.16
C ASP A 302 -19.47 19.53 18.64
N PHE A 303 -20.47 20.16 18.02
CA PHE A 303 -20.44 20.31 16.57
C PHE A 303 -19.15 20.93 16.05
N GLU A 304 -18.70 21.99 16.69
CA GLU A 304 -17.49 22.69 16.23
C GLU A 304 -16.27 21.84 15.95
N THR A 305 -15.78 21.11 16.94
CA THR A 305 -14.61 20.26 16.74
C THR A 305 -14.87 19.09 15.81
N LEU A 306 -16.04 18.47 15.95
CA LEU A 306 -16.41 17.33 15.11
C LEU A 306 -16.45 17.70 13.64
N TYR A 307 -17.03 18.87 13.34
CA TYR A 307 -17.15 19.38 11.98
C TYR A 307 -15.78 19.46 11.29
N GLN A 308 -14.82 20.13 11.93
CA GLN A 308 -13.48 20.26 11.38
C GLN A 308 -12.84 18.90 11.11
N TYR A 309 -13.22 17.92 11.92
CA TYR A 309 -12.71 16.57 11.74
C TYR A 309 -13.42 16.00 10.52
N MET A 310 -14.70 16.31 10.43
CA MET A 310 -15.55 15.84 9.34
C MET A 310 -15.14 16.35 7.95
N LEU A 311 -14.09 17.17 7.92
CA LEU A 311 -13.59 17.70 6.66
C LEU A 311 -12.45 16.82 6.19
N SER A 312 -11.96 15.96 7.09
CA SER A 312 -10.89 15.03 6.77
C SER A 312 -11.54 13.79 6.15
N ASP A 313 -12.84 13.59 6.44
CA ASP A 313 -13.59 12.44 5.94
C ASP A 313 -13.18 12.05 4.53
N LYS A 314 -13.04 10.75 4.30
CA LYS A 314 -12.61 10.23 3.01
C LYS A 314 -13.67 10.23 1.92
N LYS A 315 -14.87 10.70 2.23
CA LYS A 315 -15.94 10.72 1.24
C LYS A 315 -16.18 12.10 0.62
N ASN A 316 -15.60 13.13 1.21
CA ASN A 316 -15.79 14.49 0.70
C ASN A 316 -15.02 14.81 -0.58
N ASP A 317 -15.32 15.99 -1.12
CA ASP A 317 -14.62 16.52 -2.27
C ASP A 317 -14.38 17.99 -1.97
N LYS A 318 -13.94 18.74 -2.97
CA LYS A 318 -13.64 20.15 -2.79
C LYS A 318 -14.84 20.97 -2.37
N GLN A 319 -16.03 20.44 -2.66
CA GLN A 319 -17.29 21.11 -2.36
C GLN A 319 -17.68 21.18 -0.88
N GLY A 320 -17.10 20.31 -0.06
CA GLY A 320 -17.41 20.34 1.35
C GLY A 320 -17.72 18.96 1.91
N VAL A 321 -18.41 18.93 3.05
CA VAL A 321 -18.78 17.67 3.71
C VAL A 321 -19.72 16.81 2.84
N GLN A 322 -19.68 15.50 3.05
CA GLN A 322 -20.51 14.54 2.33
C GLN A 322 -20.94 13.39 3.22
N MET A 323 -22.23 13.05 3.15
CA MET A 323 -22.79 11.98 3.98
C MET A 323 -23.58 10.92 3.23
N VAL A 324 -23.74 9.76 3.87
CA VAL A 324 -24.52 8.69 3.29
C VAL A 324 -25.84 8.74 4.05
N LEU A 325 -26.87 9.25 3.38
CA LEU A 325 -28.20 9.43 3.94
C LEU A 325 -29.22 8.40 3.46
N MET A 326 -30.19 8.08 4.31
CA MET A 326 -31.24 7.15 3.93
C MET A 326 -32.51 7.98 3.78
N ARG A 327 -33.15 7.86 2.60
CA ARG A 327 -34.37 8.60 2.32
C ARG A 327 -35.56 7.65 2.50
N GLN A 328 -35.29 6.36 2.36
CA GLN A 328 -36.28 5.31 2.51
C GLN A 328 -35.56 3.98 2.37
N PHE A 329 -35.95 3.01 3.20
CA PHE A 329 -35.34 1.68 3.14
C PHE A 329 -35.26 1.24 1.68
N GLY A 330 -34.06 1.29 1.14
CA GLY A 330 -33.87 0.90 -0.25
C GLY A 330 -33.60 2.12 -1.10
N ASP A 331 -33.42 3.27 -0.45
CA ASP A 331 -33.15 4.51 -1.17
C ASP A 331 -32.07 5.27 -0.43
N ILE A 332 -30.85 4.75 -0.46
CA ILE A 332 -29.75 5.43 0.21
C ILE A 332 -29.07 6.32 -0.83
N VAL A 333 -28.71 7.54 -0.41
CA VAL A 333 -28.06 8.51 -1.29
C VAL A 333 -26.87 9.21 -0.62
N VAL A 334 -25.86 9.53 -1.41
CA VAL A 334 -24.69 10.23 -0.90
C VAL A 334 -24.67 11.64 -1.49
N GLN A 335 -24.40 12.65 -0.67
CA GLN A 335 -24.37 14.02 -1.17
C GLN A 335 -23.92 15.08 -0.16
N HIS A 336 -23.66 16.28 -0.67
CA HIS A 336 -23.21 17.40 0.16
C HIS A 336 -24.20 17.66 1.29
N VAL A 337 -23.69 18.17 2.42
CA VAL A 337 -24.50 18.49 3.61
C VAL A 337 -23.87 19.64 4.40
N ASP A 338 -23.79 20.82 3.77
CA ASP A 338 -23.21 22.01 4.38
C ASP A 338 -23.50 22.14 5.88
N GLN A 339 -22.62 22.86 6.57
CA GLN A 339 -22.75 23.05 8.01
C GLN A 339 -24.17 23.28 8.53
N LEU A 340 -25.06 23.73 7.65
CA LEU A 340 -26.45 23.96 8.04
C LEU A 340 -26.97 22.76 8.80
N THR A 341 -27.32 21.74 8.05
CA THR A 341 -27.85 20.52 8.61
C THR A 341 -26.98 20.09 9.79
N LEU A 342 -25.66 20.08 9.59
CA LEU A 342 -24.74 19.67 10.63
C LEU A 342 -24.78 20.58 11.86
N GLN A 343 -25.39 21.76 11.71
CA GLN A 343 -25.50 22.71 12.82
C GLN A 343 -26.79 22.50 13.60
N HIS A 344 -27.84 22.12 12.89
CA HIS A 344 -29.15 21.91 13.49
C HIS A 344 -29.51 20.43 13.69
N ALA A 345 -28.64 19.53 13.23
CA ALA A 345 -28.86 18.10 13.38
C ALA A 345 -28.09 17.60 14.59
N CYS A 346 -27.03 18.32 14.97
CA CYS A 346 -26.23 17.96 16.12
C CYS A 346 -26.91 18.52 17.36
N GLU A 347 -27.85 19.45 17.13
CA GLU A 347 -28.61 20.07 18.20
C GLU A 347 -29.97 19.39 18.36
N GLN A 348 -30.54 18.91 17.25
CA GLN A 348 -31.82 18.22 17.30
C GLN A 348 -31.56 16.82 17.86
N LEU A 349 -30.32 16.35 17.70
CA LEU A 349 -29.90 15.05 18.22
C LEU A 349 -29.56 15.24 19.70
N LYS A 350 -29.41 16.50 20.09
CA LYS A 350 -29.11 16.87 21.47
C LYS A 350 -30.45 16.95 22.22
N THR A 351 -31.53 17.15 21.46
CA THR A 351 -32.89 17.24 21.98
C THR A 351 -33.19 15.98 22.78
N TYR A 352 -32.31 14.99 22.60
CA TYR A 352 -32.42 13.70 23.27
C TYR A 352 -31.22 13.55 24.21
N MET B 1 6.88 11.69 -27.72
CA MET B 1 6.44 10.27 -27.82
C MET B 1 5.55 9.87 -26.66
N LYS B 2 4.33 9.45 -26.96
CA LYS B 2 3.39 9.01 -25.93
C LYS B 2 3.25 7.49 -26.01
N LEU B 3 3.13 6.86 -24.85
CA LEU B 3 2.98 5.42 -24.77
C LEU B 3 1.87 5.09 -23.79
N GLN B 4 1.48 3.81 -23.76
CA GLN B 4 0.41 3.40 -22.86
C GLN B 4 0.52 1.94 -22.37
N THR B 5 0.29 1.78 -21.06
CA THR B 5 0.32 0.46 -20.43
C THR B 5 -0.89 -0.30 -20.94
N THR B 6 -0.65 -1.50 -21.47
CA THR B 6 -1.73 -2.32 -22.03
C THR B 6 -2.41 -3.32 -21.10
N TYR B 7 -2.64 -2.91 -19.86
CA TYR B 7 -3.32 -3.74 -18.89
C TYR B 7 -4.81 -3.74 -19.24
N PRO B 8 -5.58 -4.67 -18.67
CA PRO B 8 -7.02 -4.73 -18.95
C PRO B 8 -7.82 -3.50 -18.50
N SER B 9 -7.45 -2.95 -17.35
CA SER B 9 -8.12 -1.77 -16.82
C SER B 9 -7.09 -0.68 -16.46
N ASN B 10 -7.57 0.31 -15.69
CA ASN B 10 -6.80 1.47 -15.25
C ASN B 10 -5.37 1.51 -15.79
N ASN B 11 -5.22 1.97 -17.03
CA ASN B 11 -3.92 2.10 -17.72
C ASN B 11 -3.47 3.57 -17.66
N TYR B 12 -2.19 3.83 -17.85
CA TYR B 12 -1.67 5.18 -17.79
C TYR B 12 -0.70 5.48 -18.93
N PRO B 13 -0.61 6.77 -19.31
CA PRO B 13 0.28 7.20 -20.38
C PRO B 13 1.72 7.46 -19.87
N ILE B 14 2.59 7.75 -20.81
CA ILE B 14 3.97 8.02 -20.51
C ILE B 14 4.42 8.96 -21.61
N TYR B 15 4.61 10.22 -21.26
CA TYR B 15 5.03 11.22 -22.22
C TYR B 15 6.53 11.39 -22.16
N VAL B 16 7.19 11.03 -23.25
CA VAL B 16 8.63 11.13 -23.38
C VAL B 16 9.01 12.10 -24.51
N GLU B 17 8.99 13.39 -24.17
CA GLU B 17 9.31 14.45 -25.13
C GLU B 17 10.25 15.45 -24.49
N HIS B 18 10.72 16.42 -25.28
CA HIS B 18 11.64 17.43 -24.79
C HIS B 18 10.90 18.66 -24.23
N GLY B 19 9.59 18.53 -24.09
CA GLY B 19 8.78 19.60 -23.57
C GLY B 19 7.64 19.02 -22.77
N ALA B 20 7.75 17.73 -22.46
CA ALA B 20 6.74 17.00 -21.71
C ALA B 20 6.31 17.68 -20.40
N ILE B 21 7.14 18.59 -19.90
CA ILE B 21 6.87 19.33 -18.66
C ILE B 21 5.56 20.15 -18.73
N LYS B 22 5.02 20.30 -19.94
CA LYS B 22 3.78 21.03 -20.18
C LYS B 22 2.57 20.15 -19.85
N TYR B 23 2.69 18.86 -20.16
CA TYR B 23 1.63 17.89 -19.93
C TYR B 23 1.17 17.74 -18.49
N ILE B 24 1.76 18.53 -17.59
CA ILE B 24 1.41 18.50 -16.18
C ILE B 24 0.02 19.10 -15.93
N GLY B 25 -0.14 20.34 -16.36
CA GLY B 25 -1.40 21.07 -16.18
C GLY B 25 -2.69 20.50 -16.74
N THR B 26 -2.63 19.59 -17.71
CA THR B 26 -3.86 19.04 -18.26
C THR B 26 -4.51 18.13 -17.23
N TYR B 27 -3.83 18.00 -16.09
CA TYR B 27 -4.32 17.17 -15.00
C TYR B 27 -4.64 18.00 -13.75
N LEU B 28 -3.66 18.80 -13.28
CA LEU B 28 -3.79 19.62 -12.07
C LEU B 28 -5.18 20.15 -11.71
N ASN B 29 -5.94 20.56 -12.72
CA ASN B 29 -7.29 21.00 -12.46
C ASN B 29 -8.17 19.90 -13.02
N GLN B 30 -8.24 18.83 -12.21
CA GLN B 30 -9.00 17.61 -12.46
C GLN B 30 -9.11 17.05 -11.06
N PHE B 31 -8.16 17.51 -10.28
CA PHE B 31 -7.95 17.14 -8.90
C PHE B 31 -8.30 18.25 -7.93
N ASP B 32 -9.04 17.90 -6.88
CA ASP B 32 -9.42 18.85 -5.86
C ASP B 32 -8.15 19.52 -5.34
N GLN B 33 -7.04 18.80 -5.37
CA GLN B 33 -5.78 19.36 -4.89
C GLN B 33 -4.61 18.57 -5.45
N SER B 34 -3.43 19.19 -5.38
CA SER B 34 -2.20 18.59 -5.85
C SER B 34 -1.06 18.97 -4.95
N PHE B 35 -0.28 17.96 -4.54
CA PHE B 35 0.88 18.15 -3.67
C PHE B 35 2.14 17.76 -4.41
N LEU B 36 3.00 18.74 -4.64
CA LEU B 36 4.23 18.51 -5.38
C LEU B 36 5.40 18.16 -4.48
N LEU B 37 5.75 16.88 -4.48
CA LEU B 37 6.87 16.38 -3.69
C LEU B 37 8.06 16.55 -4.59
N ILE B 38 9.02 17.33 -4.12
CA ILE B 38 10.21 17.60 -4.92
C ILE B 38 11.50 17.55 -4.12
N ASP B 39 12.44 16.78 -4.62
CA ASP B 39 13.76 16.61 -4.03
C ASP B 39 14.28 17.99 -3.56
N GLU B 40 15.05 18.04 -2.48
CA GLU B 40 15.58 19.32 -1.96
C GLU B 40 16.57 20.02 -2.91
N TYR B 41 17.30 19.24 -3.72
CA TYR B 41 18.25 19.82 -4.66
C TYR B 41 17.57 20.13 -5.98
N VAL B 42 16.69 19.23 -6.42
CA VAL B 42 16.00 19.47 -7.68
C VAL B 42 15.24 20.79 -7.55
N ASN B 43 14.77 21.07 -6.33
CA ASN B 43 14.03 22.29 -6.04
C ASN B 43 14.90 23.53 -6.29
N GLN B 44 16.19 23.45 -5.96
CA GLN B 44 17.10 24.58 -6.17
C GLN B 44 17.22 24.75 -7.67
N TYR B 45 17.77 23.71 -8.31
CA TYR B 45 17.96 23.65 -9.75
C TYR B 45 16.85 24.32 -10.54
N PHE B 46 15.67 23.72 -10.48
CA PHE B 46 14.52 24.23 -11.20
C PHE B 46 13.62 25.04 -10.29
N ALA B 47 14.13 26.19 -9.88
CA ALA B 47 13.41 27.10 -9.01
C ALA B 47 12.07 27.55 -9.58
N ASN B 48 12.12 28.22 -10.73
CA ASN B 48 10.91 28.71 -11.39
C ASN B 48 10.32 27.70 -12.36
N LYS B 49 11.14 26.77 -12.81
CA LYS B 49 10.70 25.74 -13.74
C LYS B 49 9.24 25.33 -13.53
N PHE B 50 8.82 25.31 -12.27
CA PHE B 50 7.47 24.90 -11.92
C PHE B 50 6.64 25.99 -11.26
N ASP B 51 6.60 27.18 -11.87
CA ASP B 51 5.80 28.27 -11.33
C ASP B 51 4.57 28.44 -12.20
N ASP B 52 4.72 28.04 -13.45
CA ASP B 52 3.66 28.12 -14.45
C ASP B 52 2.47 27.27 -14.03
N ILE B 53 2.71 26.35 -13.09
CA ILE B 53 1.67 25.44 -12.58
C ILE B 53 1.60 25.34 -11.06
N LEU B 54 2.59 25.90 -10.36
CA LEU B 54 2.60 25.84 -8.91
C LEU B 54 1.88 27.02 -8.27
N SER B 55 2.01 28.21 -8.85
CA SER B 55 1.35 29.38 -8.28
C SER B 55 -0.17 29.29 -8.40
N TYR B 56 -0.69 28.08 -8.22
CA TYR B 56 -2.13 27.88 -8.27
C TYR B 56 -2.68 27.75 -6.88
N GLU B 57 -4.00 27.73 -6.82
CA GLU B 57 -4.75 27.62 -5.58
C GLU B 57 -4.87 26.20 -5.08
N ASN B 58 -4.45 25.24 -5.88
CA ASN B 58 -4.54 23.86 -5.46
C ASN B 58 -3.16 23.30 -5.14
N VAL B 59 -2.22 23.57 -6.03
CA VAL B 59 -0.86 23.09 -5.91
C VAL B 59 -0.06 23.62 -4.72
N HIS B 60 0.51 22.69 -3.96
CA HIS B 60 1.33 23.02 -2.80
C HIS B 60 2.68 22.31 -2.99
N LYS B 61 3.78 23.02 -2.77
CA LYS B 61 5.09 22.40 -2.93
C LYS B 61 5.54 21.74 -1.63
N VAL B 62 5.93 20.47 -1.71
CA VAL B 62 6.42 19.75 -0.56
C VAL B 62 7.85 19.33 -0.85
N ILE B 63 8.78 19.83 -0.04
CA ILE B 63 10.19 19.51 -0.23
C ILE B 63 10.66 18.46 0.77
N ILE B 64 10.97 17.29 0.21
CA ILE B 64 11.44 16.14 0.98
C ILE B 64 12.97 16.09 0.89
N PRO B 65 13.59 15.17 1.64
CA PRO B 65 15.06 15.06 1.60
C PRO B 65 15.59 14.68 0.22
N ALA B 66 16.82 15.09 -0.06
CA ALA B 66 17.48 14.81 -1.33
C ALA B 66 17.72 13.32 -1.59
N GLY B 67 17.11 12.81 -2.65
CA GLY B 67 17.28 11.41 -3.02
C GLY B 67 17.01 10.37 -1.95
N GLU B 68 17.81 9.32 -1.97
CA GLU B 68 17.72 8.16 -1.07
C GLU B 68 17.63 8.47 0.43
N LYS B 69 17.78 9.73 0.79
CA LYS B 69 17.75 10.14 2.20
C LYS B 69 16.32 10.47 2.63
N THR B 70 15.39 10.27 1.70
CA THR B 70 13.97 10.55 1.96
C THR B 70 13.20 9.24 2.12
N LYS B 71 13.76 8.17 1.57
CA LYS B 71 13.14 6.86 1.62
C LYS B 71 13.27 6.15 2.96
N THR B 72 12.82 6.82 4.02
CA THR B 72 12.88 6.23 5.36
C THR B 72 11.51 6.24 6.00
N PHE B 73 11.35 5.47 7.08
CA PHE B 73 10.08 5.42 7.81
C PHE B 73 9.76 6.80 8.39
N GLU B 74 10.76 7.40 9.02
CA GLU B 74 10.60 8.72 9.64
C GLU B 74 10.02 9.77 8.69
N GLN B 75 10.60 9.91 7.50
CA GLN B 75 10.13 10.89 6.54
C GLN B 75 8.72 10.55 6.05
N TYR B 76 8.45 9.25 5.96
CA TYR B 76 7.14 8.78 5.51
C TYR B 76 6.02 9.38 6.38
N GLN B 77 6.18 9.31 7.69
CA GLN B 77 5.17 9.84 8.61
C GLN B 77 5.04 11.35 8.47
N GLU B 78 6.15 12.05 8.69
CA GLU B 78 6.18 13.50 8.60
C GLU B 78 5.42 14.02 7.38
N THR B 79 5.90 13.65 6.19
CA THR B 79 5.31 14.08 4.93
C THR B 79 3.82 13.78 4.81
N LEU B 80 3.40 12.58 5.23
CA LEU B 80 2.00 12.21 5.16
C LEU B 80 1.20 13.10 6.11
N GLU B 81 1.61 13.14 7.38
CA GLU B 81 0.92 13.96 8.37
C GLU B 81 0.87 15.39 7.89
N TYR B 82 2.01 15.88 7.41
CA TYR B 82 2.06 17.24 6.91
C TYR B 82 0.96 17.41 5.84
N ILE B 83 0.95 16.51 4.86
CA ILE B 83 -0.04 16.54 3.78
C ILE B 83 -1.47 16.57 4.32
N LEU B 84 -1.85 15.51 5.03
CA LEU B 84 -3.19 15.38 5.59
C LEU B 84 -3.71 16.63 6.29
N SER B 85 -2.83 17.34 6.99
CA SER B 85 -3.23 18.55 7.71
C SER B 85 -3.86 19.60 6.78
N HIS B 86 -4.09 19.22 5.53
CA HIS B 86 -4.69 20.10 4.52
C HIS B 86 -6.08 19.60 4.10
N HIS B 87 -6.69 18.79 4.96
CA HIS B 87 -8.01 18.21 4.69
C HIS B 87 -8.13 17.83 3.22
N VAL B 88 -7.27 16.92 2.78
CA VAL B 88 -7.28 16.48 1.40
C VAL B 88 -8.52 15.66 1.11
N THR B 89 -8.53 15.01 -0.06
CA THR B 89 -9.65 14.18 -0.48
C THR B 89 -9.07 12.97 -1.24
N ARG B 90 -9.88 11.97 -1.55
CA ARG B 90 -9.38 10.80 -2.28
C ARG B 90 -9.03 11.20 -3.69
N ASN B 91 -9.46 12.39 -4.09
CA ASN B 91 -9.17 12.87 -5.44
C ASN B 91 -8.16 14.00 -5.43
N THR B 92 -7.02 13.72 -4.82
CA THR B 92 -5.91 14.63 -4.75
C THR B 92 -4.83 13.90 -5.57
N ALA B 93 -3.78 14.61 -5.98
CA ALA B 93 -2.72 14.00 -6.76
C ALA B 93 -1.38 14.35 -6.15
N ILE B 94 -0.44 13.41 -6.27
CA ILE B 94 0.92 13.60 -5.78
C ILE B 94 1.77 13.69 -7.04
N ILE B 95 2.51 14.80 -7.17
CA ILE B 95 3.37 15.01 -8.32
C ILE B 95 4.82 14.79 -7.92
N ALA B 96 5.42 13.71 -8.39
CA ALA B 96 6.82 13.44 -8.09
C ALA B 96 7.70 14.14 -9.13
N VAL B 97 8.63 14.96 -8.66
CA VAL B 97 9.54 15.68 -9.54
C VAL B 97 10.97 15.51 -9.06
N GLY B 98 11.65 14.50 -9.57
CA GLY B 98 13.03 14.25 -9.16
C GLY B 98 13.52 12.87 -9.57
N GLY B 99 14.58 12.40 -8.91
CA GLY B 99 15.13 11.09 -9.24
C GLY B 99 14.24 9.89 -8.99
N GLY B 100 14.87 8.71 -8.89
CA GLY B 100 14.13 7.50 -8.63
C GLY B 100 13.74 7.44 -7.18
N ALA B 101 14.59 8.00 -6.33
CA ALA B 101 14.34 8.00 -4.91
C ALA B 101 13.12 8.86 -4.57
N THR B 102 13.10 10.11 -5.01
CA THR B 102 11.94 10.94 -4.69
C THR B 102 10.70 10.31 -5.31
N GLY B 103 10.91 9.53 -6.38
CA GLY B 103 9.81 8.86 -7.05
C GLY B 103 9.21 7.69 -6.25
N ASP B 104 10.07 6.82 -5.73
CA ASP B 104 9.63 5.68 -4.92
C ASP B 104 8.90 6.19 -3.69
N PHE B 105 9.46 7.18 -3.02
CA PHE B 105 8.87 7.78 -1.83
C PHE B 105 7.48 8.40 -2.10
N ALA B 106 7.45 9.44 -2.96
CA ALA B 106 6.20 10.10 -3.30
C ALA B 106 5.15 9.08 -3.71
N GLY B 107 5.62 8.01 -4.36
CA GLY B 107 4.72 6.97 -4.80
C GLY B 107 4.12 6.15 -3.67
N PHE B 108 4.94 5.87 -2.65
CA PHE B 108 4.49 5.11 -1.50
C PHE B 108 3.58 5.99 -0.65
N VAL B 109 3.80 7.30 -0.74
CA VAL B 109 2.98 8.26 0.00
C VAL B 109 1.62 8.25 -0.68
N ALA B 110 1.63 8.54 -1.98
CA ALA B 110 0.42 8.57 -2.80
C ALA B 110 -0.36 7.26 -2.73
N ALA B 111 0.36 6.14 -2.74
CA ALA B 111 -0.27 4.82 -2.72
C ALA B 111 -0.99 4.48 -1.42
N THR B 112 -0.65 5.20 -0.36
CA THR B 112 -1.23 4.92 0.94
C THR B 112 -2.08 6.05 1.52
N LEU B 113 -2.03 7.22 0.88
CA LEU B 113 -2.82 8.36 1.34
C LEU B 113 -4.30 8.02 1.15
N LEU B 114 -5.07 8.06 2.24
CA LEU B 114 -6.50 7.73 2.22
C LEU B 114 -6.73 6.43 1.46
N ARG B 115 -5.78 5.50 1.62
CA ARG B 115 -5.81 4.19 0.96
C ARG B 115 -5.55 4.23 -0.54
N GLY B 116 -5.01 5.35 -1.01
CA GLY B 116 -4.70 5.50 -2.42
C GLY B 116 -5.26 6.74 -3.06
N VAL B 117 -4.38 7.60 -3.57
CA VAL B 117 -4.81 8.81 -4.24
C VAL B 117 -4.17 8.79 -5.62
N HIS B 118 -4.16 9.93 -6.31
CA HIS B 118 -3.60 10.00 -7.66
C HIS B 118 -2.09 10.27 -7.70
N PHE B 119 -1.40 9.56 -8.60
CA PHE B 119 0.04 9.66 -8.73
C PHE B 119 0.59 10.04 -10.13
N ILE B 120 1.30 11.17 -10.20
CA ILE B 120 1.92 11.68 -11.44
C ILE B 120 3.45 11.68 -11.37
N GLN B 121 4.06 10.76 -12.12
CA GLN B 121 5.51 10.65 -12.19
C GLN B 121 6.11 11.69 -13.15
N VAL B 122 7.03 12.50 -12.64
CA VAL B 122 7.71 13.51 -13.43
C VAL B 122 9.23 13.36 -13.23
N PRO B 123 9.81 12.25 -13.74
CA PRO B 123 11.26 11.99 -13.64
C PRO B 123 12.15 13.09 -14.20
N THR B 124 13.34 13.24 -13.63
CA THR B 124 14.31 14.25 -14.05
C THR B 124 15.72 13.69 -14.21
N THR B 125 15.85 12.38 -14.21
CA THR B 125 17.14 11.74 -14.34
C THR B 125 17.06 10.64 -15.39
N ILE B 126 18.20 10.03 -15.73
CA ILE B 126 18.27 8.97 -16.72
C ILE B 126 17.79 7.64 -16.11
N LEU B 127 18.19 7.41 -14.87
CA LEU B 127 17.81 6.20 -14.15
C LEU B 127 16.29 6.12 -13.94
N ALA B 128 15.64 7.28 -13.85
CA ALA B 128 14.20 7.34 -13.65
C ALA B 128 13.41 7.00 -14.91
N HIS B 129 14.11 6.64 -15.99
CA HIS B 129 13.41 6.23 -17.20
C HIS B 129 12.94 4.83 -16.82
N ASP B 130 13.67 4.28 -15.85
CA ASP B 130 13.42 2.96 -15.30
C ASP B 130 12.46 3.03 -14.12
N SER B 131 12.90 3.65 -13.02
CA SER B 131 12.07 3.74 -11.82
C SER B 131 10.68 4.35 -11.97
N SER B 132 10.44 5.18 -12.99
CA SER B 132 9.13 5.80 -13.13
C SER B 132 8.08 4.93 -13.83
N VAL B 133 8.49 3.78 -14.33
CA VAL B 133 7.54 2.92 -15.00
C VAL B 133 7.44 1.56 -14.28
N GLY B 134 6.22 1.04 -14.17
CA GLY B 134 6.04 -0.24 -13.53
C GLY B 134 5.24 -0.20 -12.24
N GLY B 135 5.18 0.98 -11.64
CA GLY B 135 4.43 1.11 -10.41
C GLY B 135 5.11 0.71 -9.11
N LYS B 136 6.37 0.28 -9.13
CA LYS B 136 7.03 -0.09 -7.88
C LYS B 136 7.48 1.13 -7.08
N VAL B 137 6.94 1.30 -5.88
CA VAL B 137 7.30 2.42 -5.00
C VAL B 137 7.69 1.90 -3.62
N GLY B 138 8.16 2.79 -2.76
CA GLY B 138 8.53 2.33 -1.45
C GLY B 138 9.66 3.09 -0.79
N ILE B 139 10.01 2.64 0.41
CA ILE B 139 11.06 3.21 1.20
C ILE B 139 12.04 2.09 1.53
N ASN B 140 13.05 2.40 2.33
CA ASN B 140 14.09 1.42 2.71
C ASN B 140 13.95 0.98 4.16
N SER B 141 14.59 -0.15 4.48
CA SER B 141 14.59 -0.70 5.84
C SER B 141 16.02 -0.67 6.38
N LYS B 142 16.20 -1.09 7.64
CA LYS B 142 17.54 -1.13 8.21
C LYS B 142 18.19 -2.36 7.60
N GLN B 143 17.34 -3.22 7.04
CA GLN B 143 17.78 -4.45 6.41
C GLN B 143 18.18 -4.32 4.94
N GLY B 144 17.63 -3.32 4.26
CA GLY B 144 17.96 -3.12 2.85
C GLY B 144 17.08 -2.15 2.08
N LYS B 145 17.38 -2.03 0.79
CA LYS B 145 16.66 -1.14 -0.11
C LYS B 145 15.31 -1.70 -0.52
N ASN B 146 14.31 -0.82 -0.60
CA ASN B 146 12.95 -1.17 -1.02
C ASN B 146 12.31 -2.36 -0.33
N LEU B 147 12.32 -2.38 1.00
CA LEU B 147 11.73 -3.50 1.71
C LEU B 147 10.32 -3.27 2.21
N ILE B 148 9.84 -2.04 2.03
CA ILE B 148 8.48 -1.68 2.41
C ILE B 148 8.04 -0.78 1.27
N GLY B 149 6.89 -1.06 0.70
CA GLY B 149 6.41 -0.26 -0.41
C GLY B 149 5.18 -0.91 -0.97
N ALA B 150 4.92 -0.74 -2.27
CA ALA B 150 3.74 -1.34 -2.85
C ALA B 150 3.72 -1.18 -4.34
N PHE B 151 2.82 -1.92 -4.98
CA PHE B 151 2.62 -1.82 -6.42
C PHE B 151 1.43 -0.87 -6.62
N TYR B 152 1.72 0.32 -7.14
CA TYR B 152 0.70 1.36 -7.39
C TYR B 152 0.88 2.03 -8.75
N ARG B 153 -0.10 1.80 -9.64
CA ARG B 153 -0.06 2.40 -10.97
C ARG B 153 -0.24 3.91 -10.97
N PRO B 154 0.75 4.65 -11.50
CA PRO B 154 0.66 6.12 -11.55
C PRO B 154 -0.42 6.49 -12.57
N THR B 155 -1.06 7.64 -12.34
CA THR B 155 -2.10 8.09 -13.24
C THR B 155 -1.52 8.35 -14.62
N ALA B 156 -0.29 8.85 -14.63
CA ALA B 156 0.44 9.15 -15.85
C ALA B 156 1.92 9.45 -15.55
N VAL B 157 2.77 9.21 -16.54
CA VAL B 157 4.19 9.49 -16.37
C VAL B 157 4.58 10.56 -17.37
N ILE B 158 5.31 11.57 -16.89
CA ILE B 158 5.75 12.66 -17.74
C ILE B 158 7.28 12.84 -17.68
N TYR B 159 7.95 12.24 -18.66
CA TYR B 159 9.41 12.28 -18.76
C TYR B 159 9.90 13.34 -19.75
N ASP B 160 10.07 14.58 -19.28
CA ASP B 160 10.56 15.65 -20.15
C ASP B 160 12.06 15.42 -20.36
N LEU B 161 12.44 15.07 -21.58
CA LEU B 161 13.85 14.77 -21.92
C LEU B 161 14.82 15.95 -21.87
N ASP B 162 14.32 17.12 -21.46
CA ASP B 162 15.13 18.32 -21.35
C ASP B 162 15.87 18.40 -20.03
N PHE B 163 15.48 17.57 -19.06
CA PHE B 163 16.10 17.55 -17.74
C PHE B 163 17.47 16.87 -17.74
N LEU B 164 17.79 16.20 -18.85
CA LEU B 164 19.08 15.50 -18.99
C LEU B 164 20.24 16.44 -19.25
N LYS B 165 19.94 17.65 -19.69
CA LYS B 165 20.94 18.66 -20.00
C LYS B 165 21.61 19.24 -18.75
N THR B 166 21.10 18.87 -17.57
CA THR B 166 21.66 19.36 -16.32
C THR B 166 22.19 18.24 -15.45
N LEU B 167 22.28 17.05 -16.01
CA LEU B 167 22.77 15.91 -15.28
C LEU B 167 24.29 15.83 -15.30
N PRO B 168 24.91 15.62 -14.13
CA PRO B 168 26.38 15.52 -14.02
C PRO B 168 26.78 14.14 -14.58
N PHE B 169 28.06 13.93 -14.89
CA PHE B 169 28.44 12.64 -15.45
C PHE B 169 28.17 11.48 -14.50
N LYS B 170 28.44 11.69 -13.22
CA LYS B 170 28.23 10.67 -12.19
C LYS B 170 26.82 10.06 -12.25
N GLN B 171 25.86 10.85 -12.75
CA GLN B 171 24.46 10.39 -12.86
C GLN B 171 24.16 9.80 -14.25
N ILE B 172 24.96 10.21 -15.25
CA ILE B 172 24.86 9.70 -16.61
C ILE B 172 25.24 8.22 -16.50
N LEU B 173 26.42 7.99 -15.93
CA LEU B 173 26.93 6.65 -15.71
C LEU B 173 25.89 5.87 -14.91
N SER B 174 25.43 6.48 -13.82
CA SER B 174 24.45 5.85 -12.97
C SER B 174 23.19 5.48 -13.74
N GLY B 175 22.59 6.45 -14.43
CA GLY B 175 21.39 6.15 -15.19
C GLY B 175 21.64 5.20 -16.36
N TYR B 176 22.82 5.32 -16.98
CA TYR B 176 23.20 4.49 -18.10
C TYR B 176 23.19 2.98 -17.78
N ALA B 177 23.45 2.63 -16.52
CA ALA B 177 23.46 1.25 -16.11
C ALA B 177 22.12 0.57 -16.33
N GLU B 178 21.03 1.34 -16.30
CA GLU B 178 19.70 0.77 -16.53
C GLU B 178 19.43 0.74 -18.02
N VAL B 179 19.90 1.75 -18.74
CA VAL B 179 19.74 1.85 -20.20
C VAL B 179 20.48 0.67 -20.80
N TYR B 180 21.64 0.37 -20.24
CA TYR B 180 22.48 -0.75 -20.67
C TYR B 180 21.86 -2.12 -20.30
N LYS B 181 21.27 -2.21 -19.12
CA LYS B 181 20.64 -3.42 -18.63
C LYS B 181 19.49 -3.88 -19.53
N HIS B 182 18.63 -2.95 -19.94
CA HIS B 182 17.50 -3.28 -20.80
C HIS B 182 18.04 -3.81 -22.11
N ALA B 183 19.22 -3.30 -22.48
CA ALA B 183 19.91 -3.67 -23.71
C ALA B 183 20.36 -5.13 -23.64
N LEU B 184 21.07 -5.47 -22.56
CA LEU B 184 21.52 -6.84 -22.33
C LEU B 184 20.32 -7.77 -22.46
N LEU B 185 19.16 -7.27 -22.04
CA LEU B 185 17.91 -8.02 -22.09
C LEU B 185 17.29 -8.04 -23.48
N ASN B 186 17.61 -7.02 -24.27
CA ASN B 186 17.08 -6.90 -25.62
C ASN B 186 17.81 -7.79 -26.64
N GLY B 187 18.89 -8.45 -26.22
CA GLY B 187 19.60 -9.33 -27.14
C GLY B 187 21.06 -8.96 -27.38
N GLU B 188 21.80 -9.88 -28.02
CA GLU B 188 23.22 -9.67 -28.31
C GLU B 188 23.39 -8.52 -29.29
N SER B 189 22.36 -8.26 -30.09
CA SER B 189 22.37 -7.18 -31.08
C SER B 189 22.30 -5.80 -30.42
N ALA B 190 21.25 -5.55 -29.65
CA ALA B 190 21.05 -4.27 -28.97
C ALA B 190 22.21 -3.91 -28.03
N THR B 191 22.85 -4.92 -27.44
CA THR B 191 23.98 -4.70 -26.54
C THR B 191 25.18 -4.21 -27.34
N GLN B 192 25.65 -5.03 -28.26
CA GLN B 192 26.78 -4.65 -29.08
C GLN B 192 26.47 -3.40 -29.89
N ASP B 193 25.19 -3.12 -30.07
CA ASP B 193 24.74 -1.95 -30.81
C ASP B 193 24.83 -0.69 -29.96
N ILE B 194 24.45 -0.81 -28.68
CA ILE B 194 24.53 0.32 -27.78
C ILE B 194 26.00 0.47 -27.38
N GLU B 195 26.69 -0.66 -27.23
CA GLU B 195 28.12 -0.69 -26.91
C GLU B 195 28.90 -0.04 -28.07
N GLN B 196 28.35 -0.19 -29.27
CA GLN B 196 28.95 0.35 -30.50
C GLN B 196 28.75 1.85 -30.58
N HIS B 197 27.58 2.32 -30.17
CA HIS B 197 27.28 3.75 -30.20
C HIS B 197 28.00 4.44 -29.04
N PHE B 198 27.72 4.01 -27.80
CA PHE B 198 28.36 4.60 -26.62
C PHE B 198 29.63 3.83 -26.38
N LYS B 199 30.65 4.18 -27.16
CA LYS B 199 31.96 3.53 -27.11
C LYS B 199 32.85 3.90 -25.92
N ASP B 200 32.81 5.16 -25.50
CA ASP B 200 33.65 5.62 -24.40
C ASP B 200 33.05 6.83 -23.71
N ARG B 201 33.68 7.21 -22.60
CA ARG B 201 33.26 8.35 -21.78
C ARG B 201 32.72 9.56 -22.53
N GLU B 202 33.52 10.12 -23.41
CA GLU B 202 33.15 11.31 -24.16
C GLU B 202 31.82 11.19 -24.91
N ILE B 203 31.52 10.00 -25.42
CA ILE B 203 30.27 9.80 -26.15
C ILE B 203 29.10 9.88 -25.16
N LEU B 204 29.20 9.10 -24.10
CA LEU B 204 28.18 9.03 -23.06
C LEU B 204 27.99 10.43 -22.52
N GLN B 205 29.07 10.95 -21.94
CA GLN B 205 29.13 12.27 -21.36
C GLN B 205 28.45 13.30 -22.27
N SER B 206 28.62 13.16 -23.58
CA SER B 206 28.00 14.11 -24.49
C SER B 206 26.49 13.87 -24.59
N LEU B 207 26.09 12.60 -24.46
CA LEU B 207 24.67 12.20 -24.55
C LEU B 207 24.04 12.17 -25.94
N ASN B 208 24.86 12.11 -26.98
CA ASN B 208 24.30 12.07 -28.32
C ASN B 208 23.73 10.69 -28.57
N GLY B 209 22.52 10.62 -29.12
CA GLY B 209 21.89 9.34 -29.38
C GLY B 209 21.33 8.71 -28.13
N MET B 210 21.24 9.50 -27.06
CA MET B 210 20.70 9.00 -25.80
C MET B 210 19.18 9.01 -25.84
N ASP B 211 18.60 10.14 -26.26
CA ASP B 211 17.15 10.28 -26.34
C ASP B 211 16.53 9.01 -26.91
N LYS B 212 17.26 8.37 -27.82
CA LYS B 212 16.80 7.14 -28.47
C LYS B 212 16.96 5.88 -27.63
N TYR B 213 18.09 5.73 -26.94
CA TYR B 213 18.30 4.54 -26.13
C TYR B 213 17.49 4.55 -24.84
N ILE B 214 16.83 5.67 -24.57
CA ILE B 214 16.00 5.78 -23.38
C ILE B 214 14.59 5.33 -23.75
N ALA B 215 14.05 5.86 -24.84
CA ALA B 215 12.72 5.50 -25.30
C ALA B 215 12.69 3.99 -25.51
N LYS B 216 13.80 3.44 -26.01
CA LYS B 216 13.92 2.01 -26.24
C LYS B 216 13.96 1.25 -24.91
N GLY B 217 14.42 1.93 -23.86
CA GLY B 217 14.50 1.33 -22.55
C GLY B 217 13.13 1.32 -21.89
N ILE B 218 12.45 2.46 -21.95
CA ILE B 218 11.12 2.58 -21.39
C ILE B 218 10.21 1.51 -22.00
N GLU B 219 10.20 1.43 -23.33
CA GLU B 219 9.38 0.46 -24.05
C GLU B 219 9.67 -0.94 -23.52
N THR B 220 10.93 -1.32 -23.58
CA THR B 220 11.36 -2.63 -23.13
C THR B 220 10.77 -3.00 -21.77
N LYS B 221 10.65 -2.03 -20.88
CA LYS B 221 10.11 -2.30 -19.55
C LYS B 221 8.61 -2.38 -19.60
N LEU B 222 7.99 -1.40 -20.26
CA LEU B 222 6.55 -1.36 -20.37
C LEU B 222 6.00 -2.71 -20.75
N ASP B 223 6.84 -3.49 -21.44
CA ASP B 223 6.46 -4.83 -21.87
C ASP B 223 6.52 -5.83 -20.72
N ILE B 224 7.62 -5.81 -19.98
CA ILE B 224 7.80 -6.73 -18.87
C ILE B 224 6.86 -6.44 -17.69
N VAL B 225 6.49 -5.17 -17.52
CA VAL B 225 5.62 -4.79 -16.42
C VAL B 225 4.15 -5.01 -16.76
N VAL B 226 3.78 -4.80 -18.01
CA VAL B 226 2.39 -5.04 -18.37
C VAL B 226 2.15 -6.54 -18.38
N ALA B 227 3.13 -7.27 -18.87
CA ALA B 227 3.04 -8.72 -18.97
C ALA B 227 3.15 -9.45 -17.62
N ASP B 228 3.73 -8.79 -16.62
CA ASP B 228 3.89 -9.43 -15.32
C ASP B 228 4.00 -8.37 -14.26
N GLU B 229 2.93 -7.60 -14.10
CA GLU B 229 2.90 -6.52 -13.14
C GLU B 229 3.35 -6.85 -11.73
N LYS B 230 2.88 -7.95 -11.17
CA LYS B 230 3.26 -8.28 -9.80
C LYS B 230 4.53 -9.08 -9.65
N GLU B 231 5.38 -9.02 -10.68
CA GLU B 231 6.65 -9.75 -10.69
C GLU B 231 6.38 -11.21 -10.36
N GLN B 232 5.47 -11.81 -11.13
CA GLN B 232 5.11 -13.21 -10.94
C GLN B 232 5.86 -14.01 -11.99
N GLY B 233 7.19 -13.95 -11.93
CA GLY B 233 7.99 -14.69 -12.89
C GLY B 233 8.91 -13.84 -13.75
N VAL B 234 8.45 -13.47 -14.95
CA VAL B 234 9.28 -12.72 -15.89
C VAL B 234 9.83 -11.36 -15.46
N ARG B 235 9.03 -10.52 -14.79
CA ARG B 235 9.49 -9.18 -14.34
C ARG B 235 10.71 -9.32 -13.45
N LYS B 236 11.00 -10.55 -13.06
CA LYS B 236 12.15 -10.83 -12.23
C LYS B 236 13.38 -10.53 -13.10
N PHE B 237 13.16 -10.35 -14.38
CA PHE B 237 14.24 -10.07 -15.33
C PHE B 237 14.77 -8.66 -15.33
N LEU B 238 14.03 -7.74 -14.72
CA LEU B 238 14.47 -6.34 -14.64
C LEU B 238 15.45 -6.22 -13.47
N ASN B 239 15.52 -7.32 -12.70
CA ASN B 239 16.39 -7.43 -11.53
C ASN B 239 17.79 -7.94 -11.92
N LEU B 240 18.09 -7.91 -13.21
CA LEU B 240 19.39 -8.37 -13.70
C LEU B 240 20.52 -7.58 -13.00
N GLY B 241 21.37 -8.28 -12.26
CA GLY B 241 22.47 -7.60 -11.59
C GLY B 241 22.14 -6.79 -10.35
N HIS B 242 20.92 -6.88 -9.86
CA HIS B 242 20.54 -6.12 -8.66
C HIS B 242 20.79 -6.89 -7.38
N THR B 243 20.78 -8.22 -7.48
CA THR B 243 20.99 -9.06 -6.31
C THR B 243 22.28 -8.63 -5.61
N PHE B 244 23.37 -8.62 -6.36
CA PHE B 244 24.65 -8.22 -5.81
C PHE B 244 24.66 -6.69 -5.79
N GLY B 245 23.98 -6.10 -6.78
CA GLY B 245 23.91 -4.65 -6.86
C GLY B 245 23.32 -3.96 -5.65
N HIS B 246 22.15 -4.43 -5.21
CA HIS B 246 21.46 -3.85 -4.06
C HIS B 246 22.28 -3.99 -2.79
N ALA B 247 23.06 -5.07 -2.73
CA ALA B 247 23.92 -5.35 -1.59
C ALA B 247 25.11 -4.37 -1.52
N VAL B 248 25.64 -4.00 -2.68
CA VAL B 248 26.79 -3.09 -2.76
C VAL B 248 26.37 -1.63 -2.65
N GLU B 249 25.17 -1.34 -3.12
CA GLU B 249 24.61 0.00 -3.06
C GLU B 249 24.31 0.39 -1.60
N TYR B 250 23.33 -0.28 -1.00
CA TYR B 250 22.98 0.01 0.38
C TYR B 250 24.26 0.02 1.24
N TYR B 251 25.01 -1.08 1.13
CA TYR B 251 26.23 -1.32 1.89
C TYR B 251 27.45 -0.40 1.64
N HIS B 252 27.79 -0.11 0.38
CA HIS B 252 28.93 0.74 0.07
C HIS B 252 28.50 2.13 -0.23
N LYS B 253 27.20 2.30 -0.23
CA LYS B 253 26.63 3.57 -0.51
C LYS B 253 27.28 4.21 -1.72
N ILE B 254 27.07 3.58 -2.88
CA ILE B 254 27.55 4.06 -4.18
C ILE B 254 26.30 4.14 -5.05
N PRO B 255 26.25 5.06 -6.04
CA PRO B 255 25.08 5.21 -6.91
C PRO B 255 24.40 3.91 -7.36
N HIS B 256 23.10 3.96 -7.59
CA HIS B 256 22.38 2.77 -8.02
C HIS B 256 22.92 2.14 -9.31
N GLY B 257 23.18 2.98 -10.31
CA GLY B 257 23.71 2.49 -11.58
C GLY B 257 25.08 1.87 -11.44
N HIS B 258 25.96 2.56 -10.74
CA HIS B 258 27.32 2.10 -10.49
C HIS B 258 27.31 0.70 -9.88
N ALA B 259 26.45 0.47 -8.89
CA ALA B 259 26.37 -0.84 -8.24
C ALA B 259 25.85 -1.88 -9.22
N VAL B 260 24.81 -1.54 -9.96
CA VAL B 260 24.20 -2.43 -10.95
C VAL B 260 25.26 -2.93 -11.94
N MET B 261 26.08 -2.02 -12.48
CA MET B 261 27.13 -2.38 -13.43
C MET B 261 28.01 -3.46 -12.80
N VAL B 262 28.39 -3.24 -11.55
CA VAL B 262 29.21 -4.20 -10.82
C VAL B 262 28.38 -5.47 -10.58
N GLY B 263 27.08 -5.31 -10.39
CA GLY B 263 26.22 -6.45 -10.19
C GLY B 263 26.03 -7.21 -11.49
N ILE B 264 26.20 -6.52 -12.63
CA ILE B 264 26.06 -7.12 -13.96
C ILE B 264 27.28 -8.00 -14.25
N ILE B 265 28.48 -7.45 -14.11
CA ILE B 265 29.69 -8.22 -14.35
C ILE B 265 29.75 -9.42 -13.42
N TYR B 266 29.27 -9.23 -12.19
CA TYR B 266 29.26 -10.28 -11.20
C TYR B 266 28.24 -11.34 -11.59
N GLN B 267 27.17 -10.92 -12.23
CA GLN B 267 26.12 -11.84 -12.66
C GLN B 267 26.67 -12.75 -13.76
N PHE B 268 27.53 -12.19 -14.60
CA PHE B 268 28.16 -12.93 -15.69
C PHE B 268 29.13 -13.92 -15.07
N ILE B 269 29.89 -13.47 -14.08
CA ILE B 269 30.87 -14.32 -13.39
C ILE B 269 30.23 -15.61 -12.86
N VAL B 270 28.96 -15.50 -12.46
CA VAL B 270 28.20 -16.62 -11.96
C VAL B 270 27.67 -17.49 -13.10
N ALA B 271 27.12 -16.84 -14.12
CA ALA B 271 26.58 -17.54 -15.29
C ALA B 271 27.66 -18.41 -15.92
N ASN B 272 28.91 -18.20 -15.51
CA ASN B 272 30.04 -18.97 -15.98
C ASN B 272 30.18 -20.10 -14.96
N ALA B 273 30.34 -19.68 -13.70
CA ALA B 273 30.49 -20.61 -12.59
C ALA B 273 29.47 -21.75 -12.64
N LEU B 274 28.25 -21.45 -13.06
CA LEU B 274 27.21 -22.48 -13.13
C LEU B 274 27.11 -23.07 -14.53
N PHE B 275 26.32 -22.43 -15.40
CA PHE B 275 26.12 -22.94 -16.76
C PHE B 275 27.33 -22.88 -17.69
N ASP B 276 28.33 -22.08 -17.33
CA ASP B 276 29.53 -21.95 -18.16
C ASP B 276 29.14 -21.41 -19.54
N SER B 277 28.50 -20.23 -19.55
CA SER B 277 28.06 -19.58 -20.78
C SER B 277 29.29 -18.97 -21.44
N LYS B 278 30.42 -19.11 -20.74
CA LYS B 278 31.70 -18.58 -21.20
C LYS B 278 31.56 -17.10 -21.56
N HIS B 279 31.46 -16.27 -20.52
CA HIS B 279 31.32 -14.83 -20.70
C HIS B 279 32.67 -14.13 -20.79
N ASP B 280 32.73 -13.16 -21.71
CA ASP B 280 33.95 -12.37 -21.90
C ASP B 280 33.91 -11.37 -20.74
N ILE B 281 34.46 -11.77 -19.60
CA ILE B 281 34.49 -10.88 -18.44
C ILE B 281 35.42 -9.72 -18.76
N SER B 282 36.56 -10.02 -19.38
CA SER B 282 37.51 -8.98 -19.73
C SER B 282 36.90 -7.94 -20.66
N HIS B 283 35.90 -8.33 -21.45
CA HIS B 283 35.22 -7.40 -22.36
C HIS B 283 34.39 -6.37 -21.59
N TYR B 284 33.49 -6.87 -20.75
CA TYR B 284 32.61 -6.03 -19.93
C TYR B 284 33.40 -5.15 -18.98
N ILE B 285 34.38 -5.76 -18.31
CA ILE B 285 35.22 -5.00 -17.41
C ILE B 285 35.78 -3.76 -18.12
N GLN B 286 36.41 -3.98 -19.27
CA GLN B 286 36.97 -2.87 -20.04
C GLN B 286 35.89 -1.87 -20.46
N TYR B 287 34.83 -2.34 -21.11
CA TYR B 287 33.78 -1.43 -21.56
C TYR B 287 33.33 -0.46 -20.46
N LEU B 288 33.40 -0.89 -19.21
CA LEU B 288 33.00 -0.03 -18.10
C LEU B 288 34.06 1.03 -17.85
N ILE B 289 35.33 0.61 -17.92
CA ILE B 289 36.44 1.52 -17.71
C ILE B 289 36.36 2.68 -18.69
N GLN B 290 36.20 2.34 -19.97
CA GLN B 290 36.09 3.34 -21.02
C GLN B 290 34.97 4.33 -20.72
N LEU B 291 33.77 3.81 -20.47
CA LEU B 291 32.61 4.63 -20.17
C LEU B 291 32.94 5.58 -19.02
N GLY B 292 33.89 5.17 -18.19
CA GLY B 292 34.29 6.02 -17.08
C GLY B 292 33.85 5.57 -15.71
N TYR B 293 33.35 4.35 -15.62
CA TYR B 293 32.93 3.88 -14.32
C TYR B 293 34.14 3.78 -13.41
N PRO B 294 34.00 4.23 -12.16
CA PRO B 294 35.06 4.21 -11.15
C PRO B 294 35.75 2.85 -10.96
N LEU B 295 35.11 1.95 -10.21
CA LEU B 295 35.63 0.62 -9.93
C LEU B 295 36.67 0.63 -8.80
N ASP B 296 36.61 1.65 -7.95
CA ASP B 296 37.54 1.75 -6.84
C ASP B 296 37.12 0.85 -5.68
N MET B 297 35.81 0.75 -5.44
CA MET B 297 35.29 -0.07 -4.34
C MET B 297 35.36 -1.56 -4.63
N ILE B 298 35.65 -1.93 -5.87
CA ILE B 298 35.76 -3.33 -6.23
C ILE B 298 36.64 -4.08 -5.23
N THR B 299 37.77 -3.49 -4.86
CA THR B 299 38.71 -4.12 -3.92
C THR B 299 38.25 -4.11 -2.47
N ASP B 300 37.37 -3.17 -2.13
CA ASP B 300 36.88 -3.08 -0.76
C ASP B 300 35.59 -3.85 -0.51
N LEU B 301 35.15 -4.61 -1.50
CA LEU B 301 33.94 -5.41 -1.34
C LEU B 301 34.15 -6.32 -0.13
N ASP B 302 33.11 -7.08 0.20
CA ASP B 302 33.17 -8.00 1.33
C ASP B 302 32.02 -8.98 1.22
N PHE B 303 32.30 -10.19 0.75
CA PHE B 303 31.27 -11.19 0.58
C PHE B 303 30.44 -11.41 1.83
N GLU B 304 31.11 -11.59 2.97
CA GLU B 304 30.41 -11.86 4.21
C GLU B 304 29.20 -10.98 4.49
N THR B 305 29.43 -9.69 4.68
CA THR B 305 28.34 -8.76 4.96
C THR B 305 27.32 -8.72 3.82
N LEU B 306 27.81 -8.56 2.59
CA LEU B 306 26.94 -8.50 1.43
C LEU B 306 25.98 -9.70 1.41
N TYR B 307 26.55 -10.88 1.60
CA TYR B 307 25.80 -12.13 1.61
C TYR B 307 24.59 -12.04 2.55
N GLN B 308 24.84 -11.77 3.83
CA GLN B 308 23.75 -11.65 4.81
C GLN B 308 22.68 -10.68 4.35
N TYR B 309 23.09 -9.63 3.66
CA TYR B 309 22.15 -8.66 3.14
C TYR B 309 21.39 -9.35 2.03
N MET B 310 22.12 -10.15 1.24
CA MET B 310 21.56 -10.88 0.10
C MET B 310 20.48 -11.90 0.48
N LEU B 311 20.25 -12.03 1.78
CA LEU B 311 19.22 -12.93 2.26
C LEU B 311 17.91 -12.18 2.44
N SER B 312 18.00 -10.85 2.41
CA SER B 312 16.82 -9.99 2.52
C SER B 312 16.19 -9.83 1.13
N ASP B 313 16.98 -10.11 0.09
CA ASP B 313 16.53 -9.99 -1.30
C ASP B 313 15.11 -10.49 -1.52
N LYS B 314 14.32 -9.66 -2.22
CA LYS B 314 12.91 -9.95 -2.49
C LYS B 314 12.64 -11.04 -3.53
N LYS B 315 13.69 -11.70 -4.02
CA LYS B 315 13.51 -12.74 -5.02
C LYS B 315 13.76 -14.12 -4.44
N ASN B 316 14.22 -14.17 -3.21
CA ASN B 316 14.53 -15.44 -2.58
C ASN B 316 13.31 -16.20 -2.07
N ASP B 317 13.55 -17.42 -1.63
CA ASP B 317 12.53 -18.26 -1.03
C ASP B 317 13.23 -18.95 0.14
N LYS B 318 12.56 -19.90 0.77
CA LYS B 318 13.13 -20.60 1.92
C LYS B 318 14.39 -21.39 1.60
N GLN B 319 14.59 -21.67 0.32
CA GLN B 319 15.73 -22.45 -0.13
C GLN B 319 17.08 -21.71 -0.11
N GLY B 320 17.05 -20.38 -0.04
CA GLY B 320 18.28 -19.63 0.00
C GLY B 320 18.31 -18.48 -0.99
N VAL B 321 19.51 -18.01 -1.31
CA VAL B 321 19.68 -16.91 -2.26
C VAL B 321 19.18 -17.25 -3.67
N GLN B 322 18.81 -16.22 -4.42
CA GLN B 322 18.31 -16.39 -5.79
C GLN B 322 18.76 -15.23 -6.67
N MET B 323 19.25 -15.57 -7.87
CA MET B 323 19.73 -14.56 -8.82
C MET B 323 19.16 -14.64 -10.22
N VAL B 324 19.26 -13.53 -10.95
CA VAL B 324 18.81 -13.50 -12.33
C VAL B 324 20.08 -13.58 -13.14
N LEU B 325 20.32 -14.75 -13.72
CA LEU B 325 21.52 -15.04 -14.51
C LEU B 325 21.27 -15.07 -16.02
N MET B 326 22.30 -14.71 -16.79
CA MET B 326 22.19 -14.75 -18.24
C MET B 326 23.06 -15.91 -18.69
N ARG B 327 22.47 -16.82 -19.46
CA ARG B 327 23.19 -17.98 -19.98
C ARG B 327 23.58 -17.71 -21.44
N GLN B 328 22.81 -16.84 -22.08
CA GLN B 328 23.03 -16.44 -23.46
C GLN B 328 22.01 -15.35 -23.78
N PHE B 329 22.45 -14.35 -24.53
CA PHE B 329 21.56 -13.27 -24.92
C PHE B 329 20.24 -13.87 -25.41
N GLY B 330 19.21 -13.76 -24.58
CA GLY B 330 17.93 -14.31 -24.95
C GLY B 330 17.63 -15.55 -24.14
N ASP B 331 18.48 -15.83 -23.16
CA ASP B 331 18.29 -16.99 -22.30
C ASP B 331 18.59 -16.61 -20.87
N ILE B 332 17.72 -15.79 -20.28
CA ILE B 332 17.94 -15.40 -18.89
C ILE B 332 17.16 -16.35 -18.01
N VAL B 333 17.77 -16.76 -16.90
CA VAL B 333 17.16 -17.70 -15.96
C VAL B 333 17.31 -17.25 -14.50
N VAL B 334 16.31 -17.57 -13.68
CA VAL B 334 16.35 -17.22 -12.27
C VAL B 334 16.46 -18.53 -11.47
N GLN B 335 17.35 -18.58 -10.48
CA GLN B 335 17.51 -19.81 -9.70
C GLN B 335 18.45 -19.69 -8.49
N HIS B 336 18.39 -20.70 -7.63
CA HIS B 336 19.21 -20.74 -6.44
C HIS B 336 20.69 -20.53 -6.80
N VAL B 337 21.46 -19.97 -5.87
CA VAL B 337 22.90 -19.71 -6.04
C VAL B 337 23.61 -19.72 -4.69
N ASP B 338 23.63 -20.89 -4.04
CA ASP B 338 24.26 -21.06 -2.74
C ASP B 338 25.59 -20.32 -2.58
N GLN B 339 25.97 -20.06 -1.34
CA GLN B 339 27.20 -19.35 -1.02
C GLN B 339 28.44 -19.75 -1.82
N LEU B 340 28.41 -20.93 -2.43
CA LEU B 340 29.54 -21.40 -3.24
C LEU B 340 29.92 -20.34 -4.25
N THR B 341 29.12 -20.26 -5.30
CA THR B 341 29.34 -19.29 -6.36
C THR B 341 29.61 -17.92 -5.74
N LEU B 342 28.73 -17.50 -4.85
CA LEU B 342 28.87 -16.20 -4.20
C LEU B 342 30.17 -16.07 -3.41
N GLN B 343 30.87 -17.19 -3.19
CA GLN B 343 32.12 -17.16 -2.45
C GLN B 343 33.32 -17.07 -3.40
N HIS B 344 33.18 -17.71 -4.55
CA HIS B 344 34.25 -17.73 -5.55
C HIS B 344 34.02 -16.76 -6.71
N ALA B 345 32.87 -16.10 -6.71
CA ALA B 345 32.52 -15.13 -7.74
C ALA B 345 32.81 -13.71 -7.25
N CYS B 346 32.76 -13.52 -5.94
CA CYS B 346 33.03 -12.22 -5.35
C CYS B 346 34.54 -12.09 -5.20
N GLU B 347 35.23 -13.19 -5.47
CA GLU B 347 36.69 -13.23 -5.40
C GLU B 347 37.25 -13.17 -6.83
N GLN B 348 36.57 -13.84 -7.76
CA GLN B 348 36.99 -13.84 -9.16
C GLN B 348 36.73 -12.45 -9.75
N LEU B 349 35.79 -11.73 -9.13
CA LEU B 349 35.44 -10.38 -9.55
C LEU B 349 36.45 -9.43 -8.90
N LYS B 350 37.16 -9.96 -7.91
CA LYS B 350 38.19 -9.22 -7.19
C LYS B 350 39.48 -9.35 -8.01
N THR B 351 39.53 -10.39 -8.85
CA THR B 351 40.67 -10.68 -9.71
C THR B 351 40.93 -9.43 -10.54
N TYR B 352 39.93 -8.57 -10.58
CA TYR B 352 39.98 -7.31 -11.32
C TYR B 352 39.97 -6.12 -10.35
ZN ZN C . -17.68 0.80 10.78
C1 CRB D . -15.98 -0.62 4.19
O11 CRB D . -16.25 -0.12 3.04
O12 CRB D . -15.44 -1.73 4.39
C2 CRB D . -16.37 0.28 5.38
O2 CRB D . -17.15 1.38 4.92
C3 CRB D . -17.16 -0.45 6.49
C4 CRB D . -17.21 0.35 7.80
O4 CRB D . -17.77 -0.44 8.87
C5 CRB D . -15.77 0.85 8.22
O5 CRB D . -15.87 1.61 9.38
C6 CRB D . -15.17 1.66 7.06
C7 CRB D . -13.83 2.33 7.32
C8 CRB D . -14.99 0.78 5.89
P1 CRB D . -13.50 3.90 6.46
O91 CRB D . -14.73 4.74 6.52
O92 CRB D . -13.14 3.43 5.06
O93 CRB D . -12.29 4.49 7.28
ZN ZN E . 17.66 -0.81 -10.85
C1 CRB F . 11.30 -3.40 -11.61
O11 CRB F . 10.82 -4.56 -11.89
O12 CRB F . 10.69 -2.32 -11.74
C2 CRB F . 12.77 -3.40 -11.08
O2 CRB F . 13.27 -4.72 -11.03
C3 CRB F . 13.73 -2.55 -11.94
C4 CRB F . 15.01 -2.15 -11.21
O4 CRB F . 15.75 -1.15 -11.96
C5 CRB F . 14.70 -1.61 -9.77
O5 CRB F . 15.90 -1.27 -9.15
C6 CRB F . 13.93 -2.70 -9.01
C7 CRB F . 13.70 -2.50 -7.51
C8 CRB F . 12.62 -2.86 -9.63
P1 CRB F . 13.55 -4.00 -6.46
O91 CRB F . 14.59 -4.97 -6.88
O92 CRB F . 12.13 -4.45 -6.74
O93 CRB F . 13.77 -3.42 -5.00
#